data_5J61
#
_entry.id   5J61
#
_cell.length_a   57.156
_cell.length_b   86.439
_cell.length_c   138.163
_cell.angle_alpha   90.00
_cell.angle_beta   96.39
_cell.angle_gamma   90.00
#
_symmetry.space_group_name_H-M   'P 1 21 1'
#
loop_
_entity.id
_entity.type
_entity.pdbx_description
1 polymer 'D-tyrosyl-tRNA(Tyr) deacylase'
2 non-polymer "3'-deoxy-3'-(glycylamino)adenosine"
3 water water
#
_entity_poly.entity_id   1
_entity_poly.type   'polypeptide(L)'
_entity_poly.pdbx_seq_one_letter_code
;MRVVIQRVKGAILSVRKENIGENEKELEIISEIKNGLICFLGIHKNDTWEDALYIIRKCLNLRLWNNDNKTWDKNVKDLN
YELLIVSQFTLFGNTKKGNKPDFHLAKEPNEALIFYNKIIDEFKKQYNDDKIKIGKFGNYMNIDVTNDGPVTIYIDTHDI
NLNK
;
_entity_poly.pdbx_strand_id   A,B,C,D,E,F,G,H
#
# COMPACT_ATOMS: atom_id res chain seq x y z
N MET A 1 -23.56 28.51 11.70
CA MET A 1 -23.28 29.96 11.88
C MET A 1 -21.81 30.15 12.15
N ARG A 2 -21.23 31.18 11.56
CA ARG A 2 -19.81 31.49 11.74
C ARG A 2 -19.64 32.90 12.29
N VAL A 3 -18.61 33.05 13.11
CA VAL A 3 -18.25 34.33 13.62
C VAL A 3 -16.74 34.46 13.67
N VAL A 4 -16.28 35.69 13.45
CA VAL A 4 -14.91 36.08 13.68
C VAL A 4 -14.97 37.20 14.71
N ILE A 5 -14.32 36.96 15.85
CA ILE A 5 -14.39 37.85 16.97
C ILE A 5 -13.03 38.49 17.11
N GLN A 6 -13.00 39.83 17.06
CA GLN A 6 -11.77 40.56 17.31
C GLN A 6 -11.92 41.47 18.52
N ARG A 7 -10.90 41.43 19.37
CA ARG A 7 -10.82 42.30 20.53
C ARG A 7 -10.28 43.65 20.10
N VAL A 8 -10.98 44.73 20.50
CA VAL A 8 -10.65 46.09 20.04
C VAL A 8 -10.67 47.12 21.16
N LYS A 9 -9.94 48.21 20.94
CA LYS A 9 -9.98 49.41 21.79
C LYS A 9 -11.12 50.35 21.38
N GLY A 10 -11.49 50.31 20.11
CA GLY A 10 -12.61 51.08 19.59
C GLY A 10 -12.87 50.72 18.15
N ALA A 11 -14.07 50.99 17.67
CA ALA A 11 -14.42 50.74 16.27
C ALA A 11 -15.44 51.78 15.83
N ILE A 12 -15.17 52.43 14.70
CA ILE A 12 -16.00 53.49 14.14
C ILE A 12 -16.58 53.01 12.82
N LEU A 13 -17.90 52.90 12.78
CA LEU A 13 -18.61 52.37 11.62
C LEU A 13 -19.36 53.46 10.84
N SER A 14 -18.94 53.66 9.59
CA SER A 14 -19.53 54.65 8.69
C SER A 14 -20.11 54.03 7.41
N VAL A 15 -21.17 54.67 6.91
CA VAL A 15 -21.78 54.38 5.60
C VAL A 15 -22.07 55.69 4.84
N ARG A 16 -22.34 55.58 3.54
CA ARG A 16 -22.71 56.76 2.72
C ARG A 16 -23.93 57.49 3.27
N LYS A 17 -23.93 58.82 3.14
CA LYS A 17 -25.05 59.65 3.60
C LYS A 17 -26.01 59.95 2.44
N LEU A 27 -18.94 59.88 3.52
CA LEU A 27 -19.23 58.90 4.57
C LEU A 27 -19.79 59.55 5.82
N GLU A 28 -20.46 58.76 6.63
CA GLU A 28 -21.19 59.27 7.77
C GLU A 28 -21.28 58.22 8.86
N ILE A 29 -20.82 58.56 10.07
CA ILE A 29 -20.77 57.62 11.20
C ILE A 29 -22.17 57.31 11.72
N ILE A 30 -22.45 56.02 11.91
CA ILE A 30 -23.72 55.58 12.50
C ILE A 30 -23.56 54.75 13.79
N SER A 31 -22.34 54.32 14.07
CA SER A 31 -22.07 53.35 15.14
C SER A 31 -20.62 53.45 15.55
N GLU A 32 -20.41 53.42 16.85
CA GLU A 32 -19.07 53.44 17.41
C GLU A 32 -19.11 52.68 18.71
N ILE A 33 -18.00 52.04 19.06
CA ILE A 33 -17.83 51.47 20.39
C ILE A 33 -16.48 51.88 20.89
N LYS A 34 -16.28 51.78 22.19
CA LYS A 34 -14.94 51.93 22.73
C LYS A 34 -14.41 50.52 22.93
N ASN A 35 -13.80 50.24 24.07
CA ASN A 35 -13.22 48.93 24.28
C ASN A 35 -14.27 47.86 24.15
N GLY A 36 -13.90 46.74 23.56
CA GLY A 36 -14.81 45.60 23.50
C GLY A 36 -14.51 44.66 22.36
N LEU A 37 -15.56 44.21 21.69
CA LEU A 37 -15.48 43.21 20.64
C LEU A 37 -16.19 43.67 19.39
N ILE A 38 -15.55 43.49 18.26
CA ILE A 38 -16.22 43.53 16.98
C ILE A 38 -16.47 42.08 16.54
N CYS A 39 -17.72 41.76 16.24
CA CYS A 39 -18.10 40.41 15.77
C CYS A 39 -18.61 40.36 14.32
N PHE A 40 -17.82 39.76 13.45
CA PHE A 40 -18.25 39.57 12.07
C PHE A 40 -19.07 38.29 11.98
N LEU A 41 -20.38 38.44 11.73
CA LEU A 41 -21.34 37.36 11.85
C LEU A 41 -21.87 36.87 10.50
N GLY A 42 -21.73 35.56 10.27
CA GLY A 42 -22.18 34.93 9.04
C GLY A 42 -23.27 33.88 9.29
N ILE A 43 -24.38 34.03 8.58
CA ILE A 43 -25.55 33.18 8.75
C ILE A 43 -25.66 32.17 7.60
N HIS A 44 -25.48 30.90 7.95
CA HIS A 44 -25.63 29.79 7.01
C HIS A 44 -27.12 29.59 6.66
N LYS A 45 -27.41 29.17 5.44
CA LYS A 45 -28.80 28.95 4.98
C LYS A 45 -29.62 28.00 5.88
N ASN A 46 -28.96 27.04 6.50
CA ASN A 46 -29.63 26.10 7.40
C ASN A 46 -29.41 26.40 8.88
N ASP A 47 -28.95 27.60 9.22
CA ASP A 47 -28.74 27.97 10.62
C ASP A 47 -30.07 27.96 11.32
N THR A 48 -30.04 27.56 12.58
CA THR A 48 -31.22 27.57 13.42
C THR A 48 -30.99 28.55 14.54
N TRP A 49 -32.02 28.75 15.33
CA TRP A 49 -31.95 29.62 16.49
C TRP A 49 -30.97 29.11 17.57
N GLU A 50 -30.85 27.80 17.68
CA GLU A 50 -29.87 27.24 18.61
C GLU A 50 -28.42 27.56 18.20
N ASP A 51 -28.14 27.61 16.89
CA ASP A 51 -26.84 28.05 16.38
C ASP A 51 -26.59 29.47 16.86
N ALA A 52 -27.58 30.34 16.68
CA ALA A 52 -27.48 31.74 17.12
C ALA A 52 -27.20 31.87 18.61
N LEU A 53 -28.00 31.19 19.43
CA LEU A 53 -27.81 31.21 20.88
C LEU A 53 -26.36 30.86 21.24
N TYR A 54 -25.83 29.81 20.62
CA TYR A 54 -24.46 29.39 20.93
C TYR A 54 -23.48 30.52 20.68
N ILE A 55 -23.62 31.19 19.55
CA ILE A 55 -22.74 32.31 19.20
C ILE A 55 -22.89 33.49 20.17
N ILE A 56 -24.14 33.74 20.59
CA ILE A 56 -24.43 34.88 21.44
C ILE A 56 -23.74 34.69 22.77
N ARG A 57 -23.96 33.56 23.42
CA ARG A 57 -23.34 33.35 24.72
C ARG A 57 -21.83 33.19 24.65
N LYS A 58 -21.29 32.67 23.54
CA LYS A 58 -19.83 32.61 23.42
C LYS A 58 -19.30 34.03 23.30
N CYS A 59 -19.93 34.84 22.48
CA CYS A 59 -19.49 36.22 22.31
C CYS A 59 -19.51 36.96 23.64
N LEU A 60 -20.54 36.74 24.45
CA LEU A 60 -20.74 37.51 25.68
C LEU A 60 -19.95 36.99 26.87
N ASN A 61 -19.62 35.68 26.89
CA ASN A 61 -18.92 35.10 28.04
C ASN A 61 -17.48 34.65 27.79
N LEU A 62 -17.00 34.81 26.56
CA LEU A 62 -15.65 34.38 26.22
C LEU A 62 -14.65 35.26 26.97
N ARG A 63 -13.68 34.63 27.59
CA ARG A 63 -12.72 35.34 28.44
C ARG A 63 -11.47 35.78 27.70
N LEU A 64 -11.61 36.90 27.00
CA LEU A 64 -10.58 37.39 26.07
C LEU A 64 -9.69 38.45 26.67
N TRP A 65 -9.95 38.83 27.92
CA TRP A 65 -9.10 39.79 28.65
C TRP A 65 -8.48 39.09 29.88
N ASN A 66 -7.42 39.70 30.43
CA ASN A 66 -6.70 39.17 31.59
C ASN A 66 -7.19 39.75 32.89
N ASN A 67 -6.94 39.03 33.98
CA ASN A 67 -6.88 39.63 35.30
C ASN A 67 -5.41 39.92 35.60
N ASP A 68 -5.16 40.70 36.65
CA ASP A 68 -3.79 40.90 37.11
C ASP A 68 -3.19 39.52 37.43
N ASN A 69 -4.03 38.72 38.06
CA ASN A 69 -3.78 37.34 38.48
C ASN A 69 -3.42 36.35 37.35
N LYS A 70 -4.27 36.27 36.32
CA LYS A 70 -4.08 35.31 35.23
C LYS A 70 -4.69 35.73 33.91
N THR A 71 -4.23 35.06 32.85
CA THR A 71 -4.60 35.37 31.49
C THR A 71 -5.99 34.80 31.14
N TRP A 72 -6.62 35.36 30.12
CA TRP A 72 -7.90 34.83 29.64
C TRP A 72 -8.89 34.58 30.74
N ASP A 73 -9.16 35.58 31.56
CA ASP A 73 -10.03 35.39 32.73
C ASP A 73 -11.23 36.33 32.83
N LYS A 74 -11.30 37.38 32.00
CA LYS A 74 -12.47 38.28 31.99
C LYS A 74 -13.15 38.37 30.62
N ASN A 75 -14.47 38.44 30.61
CA ASN A 75 -15.24 38.62 29.38
C ASN A 75 -15.72 40.07 29.23
N VAL A 76 -16.42 40.37 28.11
CA VAL A 76 -16.90 41.74 27.82
C VAL A 76 -17.80 42.33 28.87
N LYS A 77 -18.63 41.49 29.47
CA LYS A 77 -19.58 41.92 30.47
C LYS A 77 -18.88 42.33 31.76
N ASP A 78 -17.84 41.59 32.14
CA ASP A 78 -17.12 41.86 33.40
C ASP A 78 -16.56 43.27 33.38
N LEU A 79 -16.03 43.67 32.22
CA LEU A 79 -15.41 44.97 31.99
C LEU A 79 -16.39 46.09 31.60
N ASN A 80 -17.67 45.75 31.50
CA ASN A 80 -18.70 46.66 31.01
C ASN A 80 -18.38 47.23 29.65
N TYR A 81 -17.83 46.37 28.79
CA TYR A 81 -17.38 46.80 27.48
C TYR A 81 -18.50 46.56 26.47
N GLU A 82 -18.25 46.96 25.23
CA GLU A 82 -19.27 46.97 24.19
C GLU A 82 -19.00 45.89 23.14
N LEU A 83 -19.97 45.73 22.25
CA LEU A 83 -19.91 44.82 21.12
C LEU A 83 -20.51 45.51 19.92
N LEU A 84 -19.79 45.44 18.80
CA LEU A 84 -20.27 45.90 17.51
C LEU A 84 -20.44 44.68 16.62
N ILE A 85 -21.70 44.31 16.38
CA ILE A 85 -22.02 43.14 15.60
C ILE A 85 -22.21 43.58 14.15
N VAL A 86 -21.53 42.88 13.23
CA VAL A 86 -21.54 43.23 11.82
C VAL A 86 -21.86 41.99 10.96
N SER A 87 -22.90 42.08 10.13
CA SER A 87 -23.22 41.03 9.16
C SER A 87 -22.11 40.81 8.11
N GLN A 88 -21.62 39.57 7.99
CA GLN A 88 -20.59 39.20 6.97
C GLN A 88 -20.93 37.89 6.25
N PHE A 89 -21.55 37.99 5.08
CA PHE A 89 -21.82 36.82 4.26
C PHE A 89 -20.55 36.19 3.71
N THR A 90 -19.45 36.95 3.68
CA THR A 90 -18.19 36.45 3.09
C THR A 90 -17.52 35.32 3.89
N LEU A 91 -17.91 35.11 5.14
CA LEU A 91 -17.43 33.96 5.92
C LEU A 91 -17.83 32.63 5.28
N PHE A 92 -18.85 32.66 4.42
CA PHE A 92 -19.21 31.50 3.62
C PHE A 92 -18.69 31.56 2.20
N GLY A 93 -17.64 32.38 2.00
CA GLY A 93 -17.00 32.46 0.73
C GLY A 93 -16.14 31.24 0.64
N ASN A 94 -16.64 30.23 -0.07
CA ASN A 94 -15.91 29.00 -0.28
C ASN A 94 -14.82 29.19 -1.34
N THR A 95 -13.56 29.01 -0.95
CA THR A 95 -12.44 29.23 -1.87
C THR A 95 -11.68 27.96 -2.18
N LYS A 96 -12.29 26.83 -1.90
CA LYS A 96 -11.70 25.54 -2.18
C LYS A 96 -11.58 25.28 -3.69
N LYS A 97 -12.55 25.71 -4.48
CA LYS A 97 -12.59 25.37 -5.91
C LYS A 97 -11.69 26.27 -6.77
N GLY A 98 -11.77 27.57 -6.54
CA GLY A 98 -10.92 28.50 -7.24
C GLY A 98 -10.73 29.78 -6.45
N ASN A 99 -10.11 30.76 -7.08
CA ASN A 99 -9.86 32.04 -6.42
C ASN A 99 -11.05 33.01 -6.46
N LYS A 100 -12.13 32.60 -7.12
CA LYS A 100 -13.42 33.30 -7.03
C LYS A 100 -14.24 32.72 -5.89
N PRO A 101 -14.33 33.44 -4.77
CA PRO A 101 -15.05 32.84 -3.66
C PRO A 101 -16.52 32.56 -4.00
N ASP A 102 -16.98 31.37 -3.64
CA ASP A 102 -18.34 30.93 -3.88
C ASP A 102 -19.15 31.07 -2.58
N PHE A 103 -20.17 31.93 -2.61
CA PHE A 103 -21.02 32.21 -1.44
C PHE A 103 -22.33 31.43 -1.38
N HIS A 104 -22.32 30.20 -1.88
CA HIS A 104 -23.52 29.36 -1.99
C HIS A 104 -24.20 29.07 -0.65
N LEU A 105 -23.39 28.86 0.39
CA LEU A 105 -23.91 28.43 1.70
C LEU A 105 -24.56 29.54 2.56
N ALA A 106 -24.32 30.81 2.21
CA ALA A 106 -24.92 31.93 2.94
C ALA A 106 -26.44 31.95 2.76
N LYS A 107 -27.15 32.11 3.87
CA LYS A 107 -28.58 32.36 3.84
C LYS A 107 -28.81 33.58 2.96
N GLU A 108 -29.90 33.59 2.20
CA GLU A 108 -30.15 34.70 1.28
C GLU A 108 -30.56 35.95 2.06
N PRO A 109 -30.23 37.14 1.53
CA PRO A 109 -30.29 38.41 2.28
C PRO A 109 -31.59 38.73 3.05
N ASN A 110 -32.76 38.61 2.41
CA ASN A 110 -34.02 39.01 3.06
C ASN A 110 -34.37 38.22 4.32
N GLU A 111 -34.16 36.91 4.29
CA GLU A 111 -34.34 36.09 5.47
C GLU A 111 -33.22 36.31 6.48
N ALA A 112 -31.99 36.40 5.98
CA ALA A 112 -30.84 36.60 6.84
C ALA A 112 -30.97 37.92 7.61
N LEU A 113 -31.57 38.93 6.99
CA LEU A 113 -31.93 40.17 7.69
C LEU A 113 -32.84 39.93 8.90
N ILE A 114 -33.95 39.23 8.68
CA ILE A 114 -34.90 39.00 9.76
C ILE A 114 -34.24 38.15 10.85
N PHE A 115 -33.41 37.21 10.45
CA PHE A 115 -32.72 36.37 11.42
C PHE A 115 -31.71 37.20 12.21
N TYR A 116 -30.99 38.06 11.48
CA TYR A 116 -30.00 38.96 12.07
C TYR A 116 -30.61 39.84 13.17
N ASN A 117 -31.73 40.49 12.86
CA ASN A 117 -32.42 41.36 13.80
C ASN A 117 -32.93 40.64 15.05
N LYS A 118 -33.35 39.38 14.93
CA LYS A 118 -33.67 38.57 16.11
C LYS A 118 -32.45 38.37 17.02
N ILE A 119 -31.28 38.13 16.39
CA ILE A 119 -30.01 37.87 17.09
C ILE A 119 -29.55 39.12 17.84
N ILE A 120 -29.65 40.27 17.19
CA ILE A 120 -29.40 41.55 17.84
C ILE A 120 -30.34 41.75 19.02
N ASP A 121 -31.62 41.49 18.80
CA ASP A 121 -32.59 41.61 19.89
C ASP A 121 -32.16 40.78 21.09
N GLU A 122 -31.74 39.53 20.84
CA GLU A 122 -31.29 38.62 21.90
C GLU A 122 -29.97 39.04 22.56
N PHE A 123 -29.01 39.53 21.77
CA PHE A 123 -27.77 40.09 22.31
C PHE A 123 -28.09 41.15 23.39
N LYS A 124 -29.07 41.99 23.11
CA LYS A 124 -29.52 43.06 24.03
C LYS A 124 -30.17 42.51 25.29
N LYS A 125 -31.05 41.53 25.14
CA LYS A 125 -31.72 40.89 26.29
C LYS A 125 -30.76 40.19 27.24
N GLN A 126 -29.70 39.62 26.70
CA GLN A 126 -28.72 38.89 27.50
C GLN A 126 -27.65 39.81 28.05
N TYR A 127 -27.62 41.06 27.60
CA TYR A 127 -26.64 42.03 28.10
C TYR A 127 -27.28 43.42 28.34
N ASN A 128 -27.18 44.34 27.39
CA ASN A 128 -27.78 45.66 27.57
C ASN A 128 -27.91 46.43 26.24
N ASP A 129 -29.01 47.16 26.07
CA ASP A 129 -29.29 47.94 24.85
C ASP A 129 -28.16 48.89 24.42
N ASP A 130 -27.60 49.60 25.39
CA ASP A 130 -26.50 50.55 25.13
C ASP A 130 -25.24 49.85 24.63
N LYS A 131 -25.06 48.60 25.04
CA LYS A 131 -23.79 47.89 24.80
C LYS A 131 -23.68 47.22 23.43
N ILE A 132 -24.81 46.96 22.77
CA ILE A 132 -24.83 46.32 21.45
C ILE A 132 -25.03 47.35 20.34
N LYS A 133 -23.98 47.52 19.55
CA LYS A 133 -24.06 48.30 18.32
C LYS A 133 -24.08 47.37 17.11
N ILE A 134 -24.63 47.88 16.02
CA ILE A 134 -24.73 47.14 14.77
C ILE A 134 -24.26 47.98 13.60
N GLY A 135 -24.11 47.32 12.45
CA GLY A 135 -23.81 47.99 11.19
C GLY A 135 -25.09 48.36 10.46
N LYS A 136 -25.03 48.37 9.14
CA LYS A 136 -26.21 48.59 8.30
C LYS A 136 -26.30 47.47 7.28
N PHE A 137 -27.14 46.50 7.60
CA PHE A 137 -27.24 45.27 6.83
C PHE A 137 -27.45 45.54 5.33
N GLY A 138 -26.66 44.90 4.49
CA GLY A 138 -26.83 45.02 3.04
C GLY A 138 -26.28 46.29 2.40
N ASN A 139 -25.52 47.08 3.17
CA ASN A 139 -24.90 48.28 2.63
C ASN A 139 -23.41 48.18 2.72
N TYR A 140 -22.74 49.01 1.95
CA TYR A 140 -21.31 49.15 2.07
C TYR A 140 -21.01 49.82 3.42
N MET A 141 -19.96 49.33 4.09
CA MET A 141 -19.55 49.89 5.37
C MET A 141 -18.06 50.15 5.44
N ASN A 142 -17.71 51.24 6.09
CA ASN A 142 -16.32 51.58 6.39
C ASN A 142 -16.16 51.46 7.90
N ILE A 143 -15.20 50.65 8.34
CA ILE A 143 -15.02 50.38 9.77
C ILE A 143 -13.59 50.65 10.23
N ASP A 144 -13.42 51.69 11.03
CA ASP A 144 -12.11 52.02 11.62
C ASP A 144 -11.95 51.30 12.95
N VAL A 145 -11.09 50.30 12.98
CA VAL A 145 -10.92 49.46 14.15
C VAL A 145 -9.54 49.69 14.74
N THR A 146 -9.45 49.65 16.07
CA THR A 146 -8.17 49.63 16.75
C THR A 146 -8.03 48.28 17.41
N ASN A 147 -7.34 47.39 16.71
CA ASN A 147 -7.16 46.01 17.17
C ASN A 147 -6.16 46.01 18.32
N ASP A 148 -6.59 45.37 19.40
CA ASP A 148 -5.91 45.42 20.69
C ASP A 148 -5.24 44.07 20.93
N GLY A 149 -4.03 43.90 20.40
CA GLY A 149 -3.29 42.62 20.57
C GLY A 149 -2.44 42.20 19.38
N PRO A 150 -3.06 41.93 18.23
CA PRO A 150 -4.51 41.75 18.09
C PRO A 150 -4.94 40.39 18.64
N VAL A 151 -6.22 40.27 18.99
CA VAL A 151 -6.82 38.99 19.36
C VAL A 151 -7.95 38.70 18.37
N THR A 152 -7.92 37.51 17.80
CA THR A 152 -8.89 37.09 16.79
C THR A 152 -9.34 35.66 17.03
N ILE A 153 -10.64 35.48 17.20
CA ILE A 153 -11.21 34.18 17.54
C ILE A 153 -12.24 33.79 16.49
N TYR A 154 -12.20 32.53 16.09
CA TYR A 154 -13.13 31.98 15.10
C TYR A 154 -13.98 30.86 15.68
N ILE A 155 -15.27 30.90 15.44
CA ILE A 155 -16.20 29.85 15.85
C ILE A 155 -17.11 29.53 14.66
N ASP A 156 -17.27 28.24 14.37
CA ASP A 156 -18.27 27.75 13.43
C ASP A 156 -19.15 26.77 14.19
N THR A 157 -20.43 27.08 14.35
CA THR A 157 -21.31 26.27 15.20
C THR A 157 -21.51 24.89 14.61
N HIS A 158 -21.34 24.75 13.29
CA HIS A 158 -21.49 23.43 12.65
C HIS A 158 -20.38 22.40 13.05
N ASP A 159 -19.40 22.84 13.85
CA ASP A 159 -18.43 21.90 14.45
C ASP A 159 -18.90 21.27 15.78
N ILE A 160 -20.19 21.37 16.12
CA ILE A 160 -20.70 20.77 17.37
C ILE A 160 -22.23 20.56 17.33
N MET B 1 -3.07 25.14 8.99
CA MET B 1 -2.80 26.60 9.13
C MET B 1 -4.11 27.39 8.99
N ARG B 2 -4.25 28.48 9.75
CA ARG B 2 -5.45 29.29 9.75
C ARG B 2 -5.15 30.72 9.42
N VAL B 3 -6.05 31.33 8.64
CA VAL B 3 -5.89 32.72 8.28
C VAL B 3 -7.25 33.38 8.21
N VAL B 4 -7.29 34.62 8.70
CA VAL B 4 -8.42 35.50 8.51
C VAL B 4 -7.90 36.62 7.66
N ILE B 5 -8.53 36.83 6.51
CA ILE B 5 -8.12 37.85 5.58
C ILE B 5 -9.18 38.93 5.62
N GLN B 6 -8.74 40.17 5.79
CA GLN B 6 -9.64 41.31 5.75
C GLN B 6 -9.17 42.37 4.75
N ARG B 7 -10.10 42.84 3.92
CA ARG B 7 -9.80 43.86 2.94
C ARG B 7 -9.88 45.22 3.59
N VAL B 8 -8.85 46.03 3.36
CA VAL B 8 -8.67 47.30 4.06
C VAL B 8 -8.32 48.44 3.11
N LYS B 9 -8.65 49.65 3.55
CA LYS B 9 -8.21 50.88 2.87
C LYS B 9 -6.90 51.33 3.45
N GLY B 10 -6.60 50.87 4.66
CA GLY B 10 -5.36 51.21 5.35
C GLY B 10 -5.19 50.53 6.71
N ALA B 11 -3.93 50.40 7.12
CA ALA B 11 -3.57 49.78 8.39
C ALA B 11 -2.24 50.31 8.93
N ILE B 12 -2.29 50.88 10.12
CA ILE B 12 -1.10 51.34 10.83
C ILE B 12 -0.88 50.40 12.03
N LEU B 13 0.28 49.75 12.06
CA LEU B 13 0.63 48.81 13.13
C LEU B 13 1.77 49.37 13.99
N SER B 14 1.51 49.49 15.30
CA SER B 14 2.51 49.99 16.26
C SER B 14 2.74 49.07 17.47
N VAL B 15 3.95 49.16 18.03
CA VAL B 15 4.39 48.39 19.22
C VAL B 15 5.16 49.29 20.18
N ARG B 16 5.47 48.78 21.37
CA ARG B 16 6.27 49.50 22.36
C ARG B 16 7.61 49.97 21.78
N LYS B 17 7.99 51.21 22.10
CA LYS B 17 9.24 51.80 21.59
C LYS B 17 10.49 51.21 22.24
N LEU B 27 4.08 53.73 22.31
CA LEU B 27 3.97 52.88 21.12
C LEU B 27 4.39 53.66 19.87
N GLU B 28 5.33 53.11 19.09
CA GLU B 28 5.76 53.74 17.84
C GLU B 28 5.32 52.95 16.61
N ILE B 29 5.00 53.67 15.53
CA ILE B 29 4.68 53.06 14.25
C ILE B 29 5.88 52.34 13.67
N ILE B 30 5.71 51.05 13.37
CA ILE B 30 6.75 50.25 12.70
C ILE B 30 6.31 49.70 11.34
N SER B 31 5.00 49.74 11.04
CA SER B 31 4.49 49.31 9.72
C SER B 31 3.19 49.99 9.33
N GLU B 32 3.08 50.29 8.04
CA GLU B 32 1.95 51.02 7.49
C GLU B 32 1.63 50.46 6.12
N ILE B 33 0.34 50.28 5.80
CA ILE B 33 -0.10 50.02 4.42
C ILE B 33 -1.28 50.92 4.07
N LYS B 34 -1.58 51.00 2.78
CA LYS B 34 -2.73 51.72 2.26
C LYS B 34 -3.80 50.67 1.91
N ASN B 35 -4.21 50.59 0.64
CA ASN B 35 -5.22 49.63 0.22
C ASN B 35 -4.57 48.25 0.16
N GLY B 36 -5.30 47.22 0.57
CA GLY B 36 -4.80 45.85 0.49
C GLY B 36 -5.49 44.85 1.39
N LEU B 37 -4.69 43.98 1.99
CA LEU B 37 -5.18 42.90 2.82
C LEU B 37 -4.37 42.91 4.08
N ILE B 38 -5.05 42.80 5.21
CA ILE B 38 -4.41 42.41 6.46
C ILE B 38 -4.68 40.92 6.64
N CYS B 39 -3.64 40.14 6.88
CA CYS B 39 -3.80 38.72 7.03
C CYS B 39 -3.38 38.29 8.42
N PHE B 40 -4.35 37.86 9.22
CA PHE B 40 -4.10 37.28 10.54
C PHE B 40 -3.80 35.79 10.43
N LEU B 41 -2.54 35.45 10.67
CA LEU B 41 -2.00 34.16 10.29
C LEU B 41 -1.65 33.30 11.49
N GLY B 42 -2.24 32.12 11.57
CA GLY B 42 -2.03 31.26 12.72
C GLY B 42 -1.40 29.96 12.28
N ILE B 43 -0.32 29.57 12.94
CA ILE B 43 0.40 28.34 12.58
C ILE B 43 0.08 27.19 13.52
N HIS B 44 -0.52 26.14 12.96
CA HIS B 44 -0.85 24.91 13.70
C HIS B 44 0.45 24.16 13.98
N LYS B 45 0.49 23.40 15.06
CA LYS B 45 1.70 22.60 15.33
C LYS B 45 2.01 21.53 14.27
N ASN B 46 1.03 21.17 13.45
CA ASN B 46 1.18 20.13 12.43
C ASN B 46 1.35 20.64 11.01
N ASP B 47 1.44 21.95 10.85
CA ASP B 47 1.54 22.57 9.53
C ASP B 47 2.84 22.16 8.87
N THR B 48 2.76 21.84 7.58
CA THR B 48 3.92 21.61 6.73
C THR B 48 4.10 22.80 5.80
N TRP B 49 5.22 22.84 5.07
CA TRP B 49 5.46 23.92 4.12
C TRP B 49 4.33 24.05 3.09
N GLU B 50 3.70 22.93 2.75
CA GLU B 50 2.58 22.98 1.81
C GLU B 50 1.32 23.63 2.39
N ASP B 51 1.15 23.62 3.70
CA ASP B 51 0.03 24.34 4.29
C ASP B 51 0.30 25.79 3.97
N ALA B 52 1.55 26.17 4.13
CA ALA B 52 1.96 27.55 3.97
C ALA B 52 1.73 28.00 2.54
N LEU B 53 2.13 27.15 1.60
CA LEU B 53 2.00 27.48 0.19
C LEU B 53 0.54 27.72 -0.19
N TYR B 54 -0.37 26.89 0.32
CA TYR B 54 -1.79 27.12 0.07
C TYR B 54 -2.22 28.54 0.53
N ILE B 55 -1.82 28.91 1.74
CA ILE B 55 -2.25 30.18 2.33
C ILE B 55 -1.71 31.34 1.53
N ILE B 56 -0.43 31.26 1.19
CA ILE B 56 0.24 32.30 0.41
C ILE B 56 -0.45 32.50 -0.92
N ARG B 57 -0.77 31.38 -1.56
CA ARG B 57 -1.38 31.42 -2.86
C ARG B 57 -2.74 32.11 -2.78
N LYS B 58 -3.58 31.67 -1.85
CA LYS B 58 -4.90 32.26 -1.71
C LYS B 58 -4.82 33.74 -1.35
N CYS B 59 -3.92 34.10 -0.44
CA CYS B 59 -3.80 35.51 -0.04
C CYS B 59 -3.45 36.39 -1.23
N LEU B 60 -2.52 35.90 -2.04
CA LEU B 60 -2.02 36.66 -3.17
C LEU B 60 -2.99 36.63 -4.33
N ASN B 61 -3.74 35.56 -4.50
CA ASN B 61 -4.56 35.40 -5.70
C ASN B 61 -6.07 35.49 -5.53
N LEU B 62 -6.58 35.55 -4.29
CA LEU B 62 -8.03 35.55 -4.11
C LEU B 62 -8.63 36.82 -4.67
N ARG B 63 -9.74 36.69 -5.38
CA ARG B 63 -10.30 37.81 -6.11
C ARG B 63 -11.33 38.58 -5.27
N LEU B 64 -10.82 39.49 -4.47
CA LEU B 64 -11.62 40.13 -3.43
C LEU B 64 -11.99 41.56 -3.78
N TRP B 65 -11.51 42.01 -4.94
CA TRP B 65 -11.93 43.29 -5.54
C TRP B 65 -12.69 43.08 -6.85
N ASN B 66 -13.53 44.05 -7.18
CA ASN B 66 -14.28 44.06 -8.43
C ASN B 66 -13.45 44.59 -9.59
N ASN B 67 -13.78 44.07 -10.77
CA ASN B 67 -13.44 44.69 -12.03
C ASN B 67 -14.57 45.66 -12.36
N ASP B 68 -14.37 46.50 -13.38
CA ASP B 68 -15.39 47.49 -13.79
C ASP B 68 -16.70 46.80 -14.12
N ASN B 69 -16.61 45.65 -14.76
CA ASN B 69 -17.79 44.96 -15.26
C ASN B 69 -18.19 43.70 -14.51
N LYS B 70 -17.38 43.27 -13.53
CA LYS B 70 -17.69 42.08 -12.77
C LYS B 70 -17.10 42.07 -11.35
N THR B 71 -17.86 41.50 -10.44
CA THR B 71 -17.50 41.34 -9.04
C THR B 71 -16.51 40.20 -8.77
N TRP B 72 -15.84 40.28 -7.64
CA TRP B 72 -14.95 39.22 -7.19
C TRP B 72 -14.06 38.77 -8.32
N ASP B 73 -13.34 39.72 -8.89
CA ASP B 73 -12.59 39.47 -10.12
C ASP B 73 -11.13 39.94 -10.11
N LYS B 74 -10.70 40.73 -9.13
CA LYS B 74 -9.29 41.13 -9.07
C LYS B 74 -8.65 40.86 -7.71
N ASN B 75 -7.39 40.45 -7.73
CA ASN B 75 -6.61 40.17 -6.53
C ASN B 75 -5.67 41.32 -6.13
N VAL B 76 -4.99 41.21 -5.00
CA VAL B 76 -4.10 42.30 -4.52
C VAL B 76 -3.00 42.65 -5.50
N LYS B 77 -2.50 41.64 -6.19
CA LYS B 77 -1.42 41.84 -7.14
C LYS B 77 -1.89 42.69 -8.31
N ASP B 78 -3.00 42.30 -8.93
CA ASP B 78 -3.51 43.03 -10.09
C ASP B 78 -3.57 44.53 -9.80
N LEU B 79 -4.06 44.89 -8.61
CA LEU B 79 -4.23 46.29 -8.22
C LEU B 79 -2.95 46.92 -7.69
N ASN B 80 -1.87 46.14 -7.63
CA ASN B 80 -0.62 46.62 -7.04
C ASN B 80 -0.81 47.11 -5.59
N TYR B 81 -1.66 46.43 -4.83
CA TYR B 81 -1.95 46.81 -3.45
C TYR B 81 -1.02 46.06 -2.49
N GLU B 82 -1.12 46.38 -1.21
CA GLU B 82 -0.21 45.82 -0.20
C GLU B 82 -0.83 44.66 0.58
N LEU B 83 0.00 43.97 1.35
CA LEU B 83 -0.46 43.05 2.39
C LEU B 83 0.31 43.30 3.69
N LEU B 84 -0.44 43.32 4.78
CA LEU B 84 0.14 43.32 6.10
C LEU B 84 -0.11 41.97 6.76
N ILE B 85 0.97 41.24 7.00
CA ILE B 85 0.86 39.91 7.59
C ILE B 85 1.11 39.96 9.10
N VAL B 86 0.14 39.50 9.88
CA VAL B 86 0.18 39.59 11.33
C VAL B 86 0.06 38.19 11.93
N SER B 87 1.12 37.76 12.64
CA SER B 87 1.11 36.50 13.34
C SER B 87 0.05 36.48 14.46
N GLN B 88 -0.70 35.38 14.56
CA GLN B 88 -1.88 35.29 15.44
C GLN B 88 -2.08 33.87 15.93
N PHE B 89 -1.59 33.56 17.12
CA PHE B 89 -1.79 32.21 17.66
C PHE B 89 -3.22 32.05 18.17
N THR B 90 -3.91 33.17 18.40
CA THR B 90 -5.25 33.12 18.96
C THR B 90 -6.26 32.49 18.03
N LEU B 91 -5.92 32.33 16.75
CA LEU B 91 -6.82 31.61 15.84
C LEU B 91 -7.07 30.15 16.23
N PHE B 92 -6.20 29.55 17.05
CA PHE B 92 -6.47 28.22 17.58
C PHE B 92 -7.12 28.27 18.95
N GLY B 93 -7.78 29.38 19.27
CA GLY B 93 -8.50 29.52 20.53
C GLY B 93 -9.71 28.60 20.57
N ASN B 94 -9.52 27.43 21.19
CA ASN B 94 -10.58 26.45 21.30
C ASN B 94 -11.57 26.80 22.41
N THR B 95 -12.85 26.88 22.03
CA THR B 95 -13.92 27.25 22.96
C THR B 95 -15.02 26.22 23.06
N LYS B 96 -14.72 24.98 22.66
CA LYS B 96 -15.74 23.93 22.69
C LYS B 96 -16.11 23.56 24.12
N LYS B 97 -15.10 23.50 24.99
CA LYS B 97 -15.23 22.97 26.33
C LYS B 97 -15.86 23.95 27.32
N GLY B 98 -15.42 25.19 27.29
CA GLY B 98 -15.95 26.22 28.20
C GLY B 98 -15.71 27.61 27.63
N ASN B 99 -15.61 28.59 28.51
CA ASN B 99 -15.44 29.99 28.10
C ASN B 99 -14.02 30.54 28.26
N LYS B 100 -13.10 29.73 28.80
CA LYS B 100 -11.68 30.06 28.75
C LYS B 100 -11.11 29.48 27.46
N PRO B 101 -10.69 30.34 26.52
CA PRO B 101 -10.13 29.75 25.30
C PRO B 101 -8.91 28.89 25.59
N ASP B 102 -8.76 27.82 24.83
CA ASP B 102 -7.63 26.92 24.95
C ASP B 102 -6.81 26.99 23.67
N PHE B 103 -5.52 27.23 23.78
CA PHE B 103 -4.67 27.44 22.61
C PHE B 103 -3.66 26.35 22.29
N HIS B 104 -3.83 25.16 22.86
CA HIS B 104 -2.86 24.07 22.70
C HIS B 104 -2.50 23.65 21.28
N LEU B 105 -3.39 23.89 20.31
CA LEU B 105 -3.12 23.47 18.94
C LEU B 105 -2.12 24.38 18.23
N ALA B 106 -1.87 25.58 18.77
CA ALA B 106 -0.84 26.46 18.20
C ALA B 106 0.52 25.79 18.23
N LYS B 107 1.29 25.95 17.15
CA LYS B 107 2.68 25.57 17.14
C LYS B 107 3.41 26.38 18.23
N GLU B 108 4.41 25.75 18.83
CA GLU B 108 5.17 26.35 19.92
C GLU B 108 5.93 27.59 19.42
N PRO B 109 5.97 28.69 20.23
CA PRO B 109 6.42 30.00 19.71
C PRO B 109 7.78 30.04 19.00
N ASN B 110 8.82 29.41 19.54
CA ASN B 110 10.17 29.52 18.97
C ASN B 110 10.28 28.91 17.59
N GLU B 111 9.80 27.69 17.44
CA GLU B 111 9.70 27.08 16.13
C GLU B 111 8.76 27.84 15.20
N ALA B 112 7.67 28.37 15.75
CA ALA B 112 6.69 29.11 14.94
C ALA B 112 7.31 30.36 14.30
N LEU B 113 8.17 31.05 15.04
CA LEU B 113 8.83 32.25 14.50
C LEU B 113 9.63 31.92 13.25
N ILE B 114 10.37 30.82 13.30
CA ILE B 114 11.25 30.44 12.19
C ILE B 114 10.36 30.14 10.96
N PHE B 115 9.32 29.35 11.19
CA PHE B 115 8.33 29.03 10.17
C PHE B 115 7.72 30.31 9.62
N TYR B 116 7.27 31.18 10.51
CA TYR B 116 6.67 32.44 10.13
C TYR B 116 7.60 33.26 9.26
N ASN B 117 8.87 33.28 9.60
CA ASN B 117 9.85 34.06 8.85
C ASN B 117 10.02 33.56 7.44
N LYS B 118 10.01 32.25 7.26
CA LYS B 118 10.09 31.66 5.93
C LYS B 118 8.89 32.05 5.08
N ILE B 119 7.71 32.05 5.70
CA ILE B 119 6.46 32.36 5.01
C ILE B 119 6.54 33.78 4.47
N ILE B 120 6.99 34.71 5.32
CA ILE B 120 7.11 36.09 4.92
C ILE B 120 8.03 36.20 3.71
N ASP B 121 9.19 35.55 3.78
CA ASP B 121 10.13 35.55 2.65
C ASP B 121 9.51 35.03 1.37
N GLU B 122 8.73 33.96 1.50
CA GLU B 122 8.03 33.39 0.35
C GLU B 122 6.96 34.32 -0.21
N PHE B 123 6.30 35.07 0.66
CA PHE B 123 5.39 36.13 0.26
C PHE B 123 6.12 37.20 -0.55
N LYS B 124 7.31 37.59 -0.08
CA LYS B 124 8.14 38.58 -0.77
C LYS B 124 8.51 38.09 -2.16
N LYS B 125 8.88 36.81 -2.23
CA LYS B 125 9.21 36.15 -3.49
C LYS B 125 8.06 36.25 -4.48
N GLN B 126 6.89 35.73 -4.10
CA GLN B 126 5.76 35.60 -5.02
C GLN B 126 5.10 36.93 -5.43
N TYR B 127 5.41 38.01 -4.72
CA TYR B 127 4.91 39.34 -5.07
C TYR B 127 6.11 40.33 -5.05
N ASN B 128 6.06 41.39 -4.25
CA ASN B 128 7.11 42.41 -4.23
C ASN B 128 7.42 42.80 -2.78
N ASP B 129 8.68 42.63 -2.38
CA ASP B 129 9.08 42.84 -0.98
C ASP B 129 8.74 44.23 -0.42
N ASP B 130 8.53 45.21 -1.30
CA ASP B 130 8.07 46.54 -0.89
C ASP B 130 6.56 46.59 -0.57
N LYS B 131 5.79 45.64 -1.11
CA LYS B 131 4.34 45.59 -0.89
C LYS B 131 3.97 44.65 0.27
N ILE B 132 4.92 43.83 0.71
CA ILE B 132 4.75 42.95 1.85
C ILE B 132 5.25 43.64 3.12
N LYS B 133 4.37 43.73 4.13
CA LYS B 133 4.74 44.31 5.43
C LYS B 133 4.25 43.42 6.59
N ILE B 134 4.95 43.50 7.71
CA ILE B 134 4.63 42.64 8.87
C ILE B 134 4.58 43.43 10.18
N GLY B 135 4.14 42.73 11.23
CA GLY B 135 4.18 43.21 12.61
C GLY B 135 5.39 42.70 13.36
N LYS B 136 5.24 42.51 14.67
CA LYS B 136 6.35 42.17 15.57
C LYS B 136 5.95 40.89 16.30
N PHE B 137 6.40 39.76 15.76
CA PHE B 137 6.07 38.45 16.29
C PHE B 137 6.43 38.37 17.76
N GLY B 138 5.51 37.89 18.59
CA GLY B 138 5.77 37.70 20.02
C GLY B 138 5.64 38.95 20.88
N ASN B 139 5.11 40.01 20.29
CA ASN B 139 4.99 41.29 20.97
C ASN B 139 3.56 41.77 20.87
N TYR B 140 3.15 42.54 21.85
CA TYR B 140 1.87 43.21 21.79
C TYR B 140 1.89 44.16 20.60
N MET B 141 0.79 44.17 19.85
CA MET B 141 0.66 45.03 18.69
C MET B 141 -0.65 45.81 18.78
N ASN B 142 -0.61 47.05 18.32
CA ASN B 142 -1.79 47.91 18.20
C ASN B 142 -1.97 48.23 16.72
N ILE B 143 -3.09 47.81 16.15
CA ILE B 143 -3.28 47.89 14.70
C ILE B 143 -4.52 48.70 14.39
N ASP B 144 -4.32 49.87 13.79
CA ASP B 144 -5.45 50.71 13.37
C ASP B 144 -5.81 50.32 11.96
N VAL B 145 -6.97 49.68 11.78
CA VAL B 145 -7.39 49.15 10.48
C VAL B 145 -8.66 49.85 10.01
N THR B 146 -8.65 50.30 8.76
CA THR B 146 -9.86 50.78 8.09
C THR B 146 -10.41 49.63 7.24
N ASN B 147 -11.43 48.96 7.75
CA ASN B 147 -12.04 47.87 7.01
C ASN B 147 -12.92 48.40 5.87
N ASP B 148 -12.67 47.86 4.69
CA ASP B 148 -13.28 48.31 3.44
C ASP B 148 -14.38 47.37 2.97
N GLY B 149 -15.59 47.51 3.49
CA GLY B 149 -16.68 46.62 3.06
C GLY B 149 -17.66 46.32 4.17
N PRO B 150 -17.26 45.58 5.19
CA PRO B 150 -15.99 44.88 5.24
C PRO B 150 -16.04 43.57 4.43
N VAL B 151 -14.87 42.96 4.26
CA VAL B 151 -14.72 41.71 3.55
C VAL B 151 -13.72 40.85 4.34
N THR B 152 -14.23 39.74 4.87
CA THR B 152 -13.51 38.87 5.77
C THR B 152 -13.62 37.47 5.20
N ILE B 153 -12.48 36.85 4.96
CA ILE B 153 -12.38 35.50 4.46
C ILE B 153 -11.61 34.66 5.48
N TYR B 154 -12.03 33.42 5.64
CA TYR B 154 -11.42 32.49 6.58
C TYR B 154 -11.03 31.20 5.86
N ILE B 155 -9.82 30.72 6.14
CA ILE B 155 -9.33 29.50 5.51
C ILE B 155 -8.61 28.68 6.55
N ASP B 156 -9.02 27.42 6.67
CA ASP B 156 -8.29 26.45 7.48
C ASP B 156 -7.74 25.38 6.54
N THR B 157 -6.42 25.33 6.35
CA THR B 157 -5.80 24.37 5.43
C THR B 157 -6.12 22.92 5.79
N HIS B 158 -6.37 22.64 7.06
CA HIS B 158 -6.73 21.29 7.50
C HIS B 158 -8.11 20.83 7.03
N ASP B 159 -8.91 21.72 6.44
CA ASP B 159 -10.16 21.34 5.76
C ASP B 159 -9.94 20.96 4.29
N ILE B 160 -8.73 21.17 3.76
CA ILE B 160 -8.51 21.15 2.31
C ILE B 160 -7.43 20.14 1.92
N ASN B 161 -6.75 20.36 0.79
CA ASN B 161 -5.98 19.32 0.09
C ASN B 161 -6.77 18.02 -0.08
N MET C 1 -10.47 -4.65 -22.48
CA MET C 1 -11.62 -4.87 -21.57
C MET C 1 -12.88 -5.14 -22.35
N ARG C 2 -13.96 -5.40 -21.61
CA ARG C 2 -15.25 -5.64 -22.23
C ARG C 2 -16.29 -4.68 -21.69
N VAL C 3 -17.27 -4.35 -22.54
CA VAL C 3 -18.38 -3.53 -22.14
C VAL C 3 -19.64 -3.90 -22.92
N VAL C 4 -20.76 -3.98 -22.19
CA VAL C 4 -22.07 -4.00 -22.79
C VAL C 4 -22.72 -2.64 -22.57
N ILE C 5 -23.14 -2.01 -23.66
CA ILE C 5 -23.81 -0.73 -23.64
C ILE C 5 -25.28 -0.93 -23.95
N GLN C 6 -26.15 -0.43 -23.11
CA GLN C 6 -27.57 -0.45 -23.36
C GLN C 6 -28.12 0.97 -23.31
N ARG C 7 -28.97 1.29 -24.28
CA ARG C 7 -29.59 2.59 -24.38
C ARG C 7 -30.85 2.56 -23.52
N VAL C 8 -30.99 3.58 -22.69
CA VAL C 8 -32.06 3.61 -21.70
C VAL C 8 -32.77 4.98 -21.65
N LYS C 9 -34.02 4.98 -21.17
CA LYS C 9 -34.77 6.19 -20.85
C LYS C 9 -34.51 6.62 -19.42
N GLY C 10 -33.95 5.73 -18.63
CA GLY C 10 -33.68 6.00 -17.23
C GLY C 10 -33.10 4.78 -16.54
N ALA C 11 -32.44 5.04 -15.43
CA ALA C 11 -31.90 3.96 -14.62
C ALA C 11 -31.78 4.47 -13.21
N ILE C 12 -32.26 3.69 -12.25
CA ILE C 12 -32.18 4.02 -10.84
C ILE C 12 -31.39 2.91 -10.17
N LEU C 13 -30.24 3.28 -9.61
CA LEU C 13 -29.36 2.33 -8.96
C LEU C 13 -29.37 2.55 -7.45
N SER C 14 -29.78 1.52 -6.71
CA SER C 14 -29.75 1.55 -5.24
C SER C 14 -28.81 0.47 -4.69
N VAL C 15 -28.47 0.57 -3.39
CA VAL C 15 -27.59 -0.42 -2.73
C VAL C 15 -28.07 -0.81 -1.32
N ARG C 16 -27.42 -1.85 -0.79
CA ARG C 16 -27.62 -2.33 0.58
C ARG C 16 -27.25 -1.21 1.55
N LYS C 17 -28.25 -0.68 2.27
CA LYS C 17 -28.05 0.43 3.19
C LYS C 17 -27.41 -0.03 4.50
N GLU C 26 -35.29 -1.59 2.54
CA GLU C 26 -33.96 -1.58 3.13
C GLU C 26 -32.90 -1.08 2.14
N LEU C 27 -33.38 -0.49 1.03
CA LEU C 27 -32.52 -0.04 -0.07
C LEU C 27 -32.56 1.47 -0.19
N GLU C 28 -31.40 2.07 -0.49
CA GLU C 28 -31.33 3.50 -0.74
C GLU C 28 -30.84 3.78 -2.15
N ILE C 29 -31.50 4.69 -2.83
CA ILE C 29 -31.09 5.16 -4.15
C ILE C 29 -29.82 5.99 -4.00
N ILE C 30 -28.72 5.57 -4.62
CA ILE C 30 -27.46 6.31 -4.55
C ILE C 30 -26.95 6.86 -5.89
N SER C 31 -27.68 6.62 -6.97
CA SER C 31 -27.26 7.04 -8.32
C SER C 31 -28.39 6.81 -9.32
N GLU C 32 -28.68 7.84 -10.09
CA GLU C 32 -29.80 7.84 -11.02
C GLU C 32 -29.49 8.63 -12.29
N ILE C 33 -30.07 8.21 -13.41
CA ILE C 33 -30.04 8.98 -14.67
C ILE C 33 -31.38 8.91 -15.37
N LYS C 34 -31.64 9.88 -16.24
CA LYS C 34 -32.75 9.79 -17.18
C LYS C 34 -32.16 9.23 -18.48
N ASN C 35 -32.34 9.90 -19.62
CA ASN C 35 -31.96 9.33 -20.90
C ASN C 35 -30.46 9.22 -21.02
N GLY C 36 -30.00 8.14 -21.66
CA GLY C 36 -28.58 7.93 -21.83
C GLY C 36 -28.20 6.47 -22.00
N LEU C 37 -27.04 6.10 -21.50
CA LEU C 37 -26.49 4.79 -21.67
C LEU C 37 -26.15 4.16 -20.34
N ILE C 38 -26.34 2.85 -20.24
CA ILE C 38 -25.76 2.12 -19.14
C ILE C 38 -24.63 1.27 -19.68
N CYS C 39 -23.45 1.41 -19.09
CA CYS C 39 -22.26 0.74 -19.58
C CYS C 39 -21.78 -0.23 -18.51
N PHE C 40 -21.97 -1.53 -18.77
CA PHE C 40 -21.51 -2.56 -17.88
C PHE C 40 -20.07 -2.83 -18.25
N LEU C 41 -19.16 -2.59 -17.32
CA LEU C 41 -17.75 -2.48 -17.63
C LEU C 41 -16.95 -3.55 -16.91
N GLY C 42 -16.20 -4.34 -17.67
CA GLY C 42 -15.44 -5.47 -17.10
C GLY C 42 -13.95 -5.25 -17.33
N ILE C 43 -13.18 -5.19 -16.25
CA ILE C 43 -11.73 -4.97 -16.36
C ILE C 43 -10.95 -6.29 -16.32
N HIS C 44 -10.29 -6.56 -17.44
CA HIS C 44 -9.42 -7.70 -17.64
C HIS C 44 -8.09 -7.51 -16.91
N LYS C 45 -7.52 -8.59 -16.39
CA LYS C 45 -6.24 -8.52 -15.67
C LYS C 45 -5.08 -7.97 -16.53
N ASN C 46 -5.12 -8.21 -17.85
CA ASN C 46 -4.12 -7.67 -18.79
C ASN C 46 -4.45 -6.32 -19.44
N ASP C 47 -5.51 -5.64 -18.99
CA ASP C 47 -5.91 -4.35 -19.58
C ASP C 47 -4.90 -3.25 -19.32
N THR C 48 -4.45 -2.58 -20.38
CA THR C 48 -3.60 -1.39 -20.27
C THR C 48 -4.49 -0.14 -20.35
N TRP C 49 -3.88 1.04 -20.34
CA TRP C 49 -4.64 2.31 -20.48
C TRP C 49 -5.12 2.54 -21.92
N GLU C 50 -4.45 1.93 -22.89
CA GLU C 50 -4.87 2.03 -24.28
C GLU C 50 -6.27 1.45 -24.49
N ASP C 51 -6.60 0.40 -23.74
CA ASP C 51 -7.89 -0.27 -23.84
C ASP C 51 -9.00 0.60 -23.28
N ALA C 52 -8.75 1.21 -22.13
CA ALA C 52 -9.70 2.10 -21.48
C ALA C 52 -10.12 3.28 -22.37
N LEU C 53 -9.15 3.90 -23.04
CA LEU C 53 -9.43 5.05 -23.89
C LEU C 53 -10.31 4.70 -25.09
N TYR C 54 -10.15 3.50 -25.62
CA TYR C 54 -10.98 3.06 -26.75
C TYR C 54 -12.45 2.92 -26.35
N ILE C 55 -12.68 2.39 -25.15
CA ILE C 55 -14.02 2.18 -24.61
C ILE C 55 -14.67 3.52 -24.27
N ILE C 56 -13.91 4.39 -23.63
CA ILE C 56 -14.38 5.72 -23.27
C ILE C 56 -14.86 6.46 -24.51
N ARG C 57 -14.05 6.40 -25.56
CA ARG C 57 -14.35 7.08 -26.82
C ARG C 57 -15.58 6.48 -27.50
N LYS C 58 -15.66 5.15 -27.53
CA LYS C 58 -16.81 4.50 -28.16
C LYS C 58 -18.10 4.82 -27.42
N CYS C 59 -18.07 4.68 -26.09
CA CYS C 59 -19.22 4.98 -25.25
C CYS C 59 -19.71 6.40 -25.45
N LEU C 60 -18.78 7.35 -25.51
CA LEU C 60 -19.16 8.77 -25.66
C LEU C 60 -19.56 9.16 -27.08
N ASN C 61 -19.03 8.47 -28.08
CA ASN C 61 -19.18 8.86 -29.49
C ASN C 61 -20.05 7.97 -30.38
N LEU C 62 -20.41 6.76 -29.90
CA LEU C 62 -21.20 5.86 -30.74
C LEU C 62 -22.56 6.48 -31.01
N ARG C 63 -22.98 6.40 -32.26
CA ARG C 63 -24.20 7.06 -32.69
C ARG C 63 -25.36 6.12 -32.50
N LEU C 64 -25.93 6.10 -31.30
CA LEU C 64 -26.95 5.10 -30.94
C LEU C 64 -28.36 5.67 -30.91
N TRP C 65 -28.52 6.91 -31.37
CA TRP C 65 -29.80 7.56 -31.45
C TRP C 65 -30.00 8.10 -32.86
N ASN C 66 -31.25 8.30 -33.25
CA ASN C 66 -31.58 8.79 -34.58
C ASN C 66 -31.56 10.29 -34.66
N ASN C 67 -31.23 10.80 -35.83
CA ASN C 67 -31.64 12.15 -36.20
C ASN C 67 -33.01 12.12 -36.88
N ASP C 68 -33.62 13.29 -37.06
CA ASP C 68 -34.96 13.42 -37.69
C ASP C 68 -35.06 12.66 -38.98
N ASN C 69 -34.00 12.75 -39.78
CA ASN C 69 -33.98 12.24 -41.14
C ASN C 69 -33.05 11.04 -41.37
N LYS C 70 -32.28 10.65 -40.37
CA LYS C 70 -31.46 9.43 -40.50
C LYS C 70 -31.26 8.70 -39.18
N THR C 71 -30.96 7.41 -39.29
CA THR C 71 -30.81 6.54 -38.13
C THR C 71 -29.35 6.55 -37.69
N TRP C 72 -29.10 6.03 -36.48
CA TRP C 72 -27.76 5.79 -35.97
C TRP C 72 -26.83 6.97 -36.28
N ASP C 73 -27.26 8.14 -35.82
CA ASP C 73 -26.66 9.41 -36.22
C ASP C 73 -26.20 10.29 -35.07
N LYS C 74 -26.88 10.23 -33.92
CA LYS C 74 -26.51 11.01 -32.74
C LYS C 74 -25.82 10.17 -31.68
N ASN C 75 -24.83 10.75 -30.99
CA ASN C 75 -24.17 10.10 -29.84
C ASN C 75 -24.68 10.74 -28.54
N VAL C 76 -24.26 10.18 -27.41
CA VAL C 76 -24.83 10.58 -26.11
C VAL C 76 -24.56 12.06 -25.78
N LYS C 77 -23.42 12.56 -26.25
CA LYS C 77 -23.06 13.97 -26.04
C LYS C 77 -23.91 14.94 -26.86
N ASP C 78 -24.28 14.56 -28.09
CA ASP C 78 -25.09 15.43 -28.95
C ASP C 78 -26.43 15.72 -28.31
N LEU C 79 -26.94 14.75 -27.57
CA LEU C 79 -28.24 14.90 -26.94
C LEU C 79 -28.11 15.45 -25.54
N ASN C 80 -26.86 15.70 -25.11
CA ASN C 80 -26.57 16.10 -23.74
C ASN C 80 -27.14 15.09 -22.75
N TYR C 81 -27.04 13.80 -23.10
CA TYR C 81 -27.58 12.74 -22.26
C TYR C 81 -26.51 12.20 -21.32
N GLU C 82 -26.88 11.28 -20.43
CA GLU C 82 -26.01 10.82 -19.33
C GLU C 82 -25.47 9.41 -19.53
N LEU C 83 -24.48 9.06 -18.72
CA LEU C 83 -23.94 7.70 -18.69
C LEU C 83 -23.91 7.20 -17.24
N LEU C 84 -24.32 5.95 -17.08
CA LEU C 84 -24.14 5.22 -15.83
C LEU C 84 -23.12 4.14 -16.07
N ILE C 85 -22.01 4.21 -15.35
CA ILE C 85 -20.97 3.22 -15.50
C ILE C 85 -21.04 2.26 -14.33
N VAL C 86 -21.14 0.98 -14.65
CA VAL C 86 -21.37 -0.05 -13.66
C VAL C 86 -20.29 -1.08 -13.81
N SER C 87 -19.54 -1.30 -12.74
CA SER C 87 -18.49 -2.31 -12.72
C SER C 87 -19.09 -3.72 -12.85
N GLN C 88 -18.52 -4.55 -13.70
CA GLN C 88 -19.10 -5.87 -13.96
C GLN C 88 -18.04 -6.87 -14.39
N PHE C 89 -17.46 -7.58 -13.43
CA PHE C 89 -16.44 -8.59 -13.75
C PHE C 89 -17.03 -9.81 -14.44
N THR C 90 -18.35 -10.01 -14.28
CA THR C 90 -19.03 -11.19 -14.86
C THR C 90 -18.96 -11.29 -16.39
N LEU C 91 -18.57 -10.22 -17.07
CA LEU C 91 -18.26 -10.30 -18.50
C LEU C 91 -17.12 -11.25 -18.82
N PHE C 92 -16.34 -11.65 -17.83
CA PHE C 92 -15.27 -12.62 -18.05
C PHE C 92 -15.61 -14.00 -17.48
N GLY C 93 -16.87 -14.19 -17.10
CA GLY C 93 -17.39 -15.51 -16.80
C GLY C 93 -17.28 -16.35 -18.06
N ASN C 94 -16.28 -17.22 -18.08
CA ASN C 94 -16.08 -18.13 -19.20
C ASN C 94 -17.08 -19.28 -19.06
N THR C 95 -17.86 -19.50 -20.12
CA THR C 95 -18.90 -20.51 -20.14
C THR C 95 -18.56 -21.66 -21.10
N LYS C 96 -17.35 -21.65 -21.64
CA LYS C 96 -16.93 -22.68 -22.58
C LYS C 96 -16.66 -24.01 -21.89
N LYS C 97 -16.25 -23.95 -20.61
CA LYS C 97 -15.86 -25.13 -19.87
C LYS C 97 -17.07 -25.91 -19.33
N GLY C 98 -17.78 -25.33 -18.37
CA GLY C 98 -18.95 -25.97 -17.77
C GLY C 98 -20.11 -25.00 -17.71
N ASN C 99 -21.04 -25.26 -16.79
CA ASN C 99 -22.15 -24.35 -16.54
C ASN C 99 -21.89 -23.45 -15.33
N LYS C 100 -20.83 -23.78 -14.58
CA LYS C 100 -20.25 -22.90 -13.58
C LYS C 100 -19.22 -21.98 -14.27
N PRO C 101 -19.50 -20.67 -14.33
CA PRO C 101 -18.56 -19.78 -15.00
C PRO C 101 -17.38 -19.43 -14.08
N ASP C 102 -16.18 -19.36 -14.66
CA ASP C 102 -14.98 -18.93 -13.92
C ASP C 102 -14.49 -17.58 -14.47
N PHE C 103 -14.14 -16.69 -13.55
CA PHE C 103 -13.79 -15.31 -13.86
C PHE C 103 -12.29 -15.06 -13.65
N HIS C 104 -11.47 -16.00 -14.12
CA HIS C 104 -10.02 -15.94 -13.91
C HIS C 104 -9.31 -14.97 -14.83
N LEU C 105 -10.00 -14.51 -15.88
CA LEU C 105 -9.47 -13.44 -16.72
C LEU C 105 -9.71 -12.06 -16.11
N ALA C 106 -10.62 -11.96 -15.14
CA ALA C 106 -10.97 -10.68 -14.52
C ALA C 106 -9.93 -10.24 -13.48
N LYS C 107 -9.61 -8.94 -13.52
CA LYS C 107 -8.63 -8.36 -12.60
C LYS C 107 -9.13 -8.44 -11.15
N GLU C 108 -8.19 -8.50 -10.21
CA GLU C 108 -8.52 -8.56 -8.79
C GLU C 108 -9.16 -7.25 -8.25
N PRO C 109 -10.20 -7.37 -7.41
CA PRO C 109 -11.03 -6.26 -6.90
C PRO C 109 -10.29 -5.01 -6.40
N ASN C 110 -9.22 -5.18 -5.63
CA ASN C 110 -8.46 -4.06 -5.08
C ASN C 110 -7.81 -3.18 -6.15
N GLU C 111 -7.18 -3.81 -7.14
CA GLU C 111 -6.52 -3.07 -8.21
C GLU C 111 -7.51 -2.60 -9.27
N ALA C 112 -8.47 -3.45 -9.63
CA ALA C 112 -9.47 -3.07 -10.61
C ALA C 112 -10.16 -1.77 -10.19
N LEU C 113 -10.41 -1.64 -8.88
CA LEU C 113 -11.00 -0.44 -8.30
C LEU C 113 -10.24 0.84 -8.70
N ILE C 114 -8.92 0.81 -8.60
CA ILE C 114 -8.10 2.00 -8.90
C ILE C 114 -8.18 2.30 -10.40
N PHE C 115 -8.17 1.24 -11.19
CA PHE C 115 -8.27 1.35 -12.63
C PHE C 115 -9.63 1.95 -13.00
N TYR C 116 -10.67 1.49 -12.32
CA TYR C 116 -12.04 1.91 -12.60
C TYR C 116 -12.29 3.34 -12.16
N ASN C 117 -11.76 3.72 -11.00
CA ASN C 117 -11.85 5.12 -10.57
C ASN C 117 -11.06 6.02 -11.51
N LYS C 118 -10.02 5.47 -12.15
CA LYS C 118 -9.27 6.18 -13.19
C LYS C 118 -10.16 6.46 -14.40
N ILE C 119 -10.71 5.39 -14.96
CA ILE C 119 -11.62 5.47 -16.11
C ILE C 119 -12.71 6.53 -15.88
N ILE C 120 -13.33 6.50 -14.71
CA ILE C 120 -14.40 7.43 -14.40
C ILE C 120 -13.95 8.91 -14.50
N ASP C 121 -12.73 9.20 -14.04
CA ASP C 121 -12.20 10.57 -14.12
C ASP C 121 -12.08 11.00 -15.57
N GLU C 122 -11.48 10.14 -16.39
CA GLU C 122 -11.31 10.42 -17.81
C GLU C 122 -12.65 10.59 -18.53
N PHE C 123 -13.61 9.69 -18.26
CA PHE C 123 -14.97 9.89 -18.75
C PHE C 123 -15.41 11.31 -18.45
N LYS C 124 -15.29 11.70 -17.18
CA LYS C 124 -15.71 13.02 -16.72
C LYS C 124 -14.95 14.15 -17.41
N LYS C 125 -13.63 13.97 -17.51
CA LYS C 125 -12.76 14.89 -18.24
C LYS C 125 -13.16 15.02 -19.70
N GLN C 126 -13.35 13.89 -20.36
CA GLN C 126 -13.63 13.86 -21.80
C GLN C 126 -15.07 14.24 -22.18
N TYR C 127 -15.97 14.29 -21.19
CA TYR C 127 -17.36 14.75 -21.41
C TYR C 127 -17.68 15.87 -20.40
N ASN C 128 -18.15 15.50 -19.20
CA ASN C 128 -18.65 16.46 -18.24
C ASN C 128 -19.04 15.75 -16.95
N ASP C 129 -18.57 16.28 -15.82
CA ASP C 129 -18.78 15.65 -14.50
C ASP C 129 -20.25 15.52 -14.16
N ASP C 130 -21.03 16.50 -14.57
CA ASP C 130 -22.48 16.52 -14.40
C ASP C 130 -23.16 15.27 -15.02
N LYS C 131 -22.64 14.80 -16.16
CA LYS C 131 -23.30 13.77 -16.95
C LYS C 131 -22.78 12.36 -16.70
N ILE C 132 -21.78 12.19 -15.82
CA ILE C 132 -21.26 10.86 -15.50
C ILE C 132 -21.67 10.40 -14.10
N LYS C 133 -22.45 9.32 -14.05
CA LYS C 133 -22.88 8.70 -12.81
C LYS C 133 -22.31 7.27 -12.69
N ILE C 134 -22.31 6.74 -11.45
CA ILE C 134 -21.71 5.43 -11.14
C ILE C 134 -22.41 4.62 -10.04
N GLY C 135 -21.97 3.37 -9.87
CA GLY C 135 -22.40 2.51 -8.77
C GLY C 135 -21.28 2.24 -7.77
N LYS C 136 -21.63 1.60 -6.65
CA LYS C 136 -20.62 1.14 -5.68
C LYS C 136 -19.90 -0.09 -6.22
N PHE C 137 -18.67 0.11 -6.68
CA PHE C 137 -17.79 -0.99 -7.03
C PHE C 137 -17.66 -1.91 -5.82
N GLY C 138 -17.89 -3.21 -6.01
CA GLY C 138 -17.70 -4.18 -4.93
C GLY C 138 -18.93 -4.59 -4.16
N ASN C 139 -19.92 -3.70 -4.07
CA ASN C 139 -21.18 -4.01 -3.41
C ASN C 139 -22.20 -4.61 -4.35
N TYR C 140 -23.26 -5.12 -3.76
CA TYR C 140 -24.40 -5.62 -4.49
C TYR C 140 -25.29 -4.45 -4.85
N MET C 141 -25.84 -4.48 -6.06
CA MET C 141 -26.61 -3.37 -6.61
C MET C 141 -27.95 -3.84 -7.14
N ASN C 142 -28.94 -2.95 -7.07
CA ASN C 142 -30.27 -3.18 -7.62
C ASN C 142 -30.53 -2.04 -8.60
N ILE C 143 -30.51 -2.36 -9.89
CA ILE C 143 -30.57 -1.34 -10.95
C ILE C 143 -31.89 -1.44 -11.70
N ASP C 144 -32.78 -0.50 -11.43
CA ASP C 144 -34.05 -0.41 -12.14
C ASP C 144 -33.86 0.37 -13.43
N VAL C 145 -33.90 -0.36 -14.54
CA VAL C 145 -33.55 0.19 -15.84
C VAL C 145 -34.78 0.21 -16.72
N THR C 146 -34.94 1.31 -17.47
CA THR C 146 -35.91 1.37 -18.56
C THR C 146 -35.18 1.32 -19.89
N ASN C 147 -35.10 0.12 -20.47
CA ASN C 147 -34.47 -0.07 -21.76
C ASN C 147 -35.33 0.54 -22.87
N ASP C 148 -34.64 1.28 -23.73
CA ASP C 148 -35.28 2.10 -24.74
C ASP C 148 -34.94 1.50 -26.09
N GLY C 149 -35.81 0.60 -26.58
CA GLY C 149 -35.60 -0.03 -27.90
C GLY C 149 -35.97 -1.51 -27.92
N PRO C 150 -35.21 -2.35 -27.21
CA PRO C 150 -33.96 -1.98 -26.58
C PRO C 150 -32.85 -1.89 -27.61
N VAL C 151 -31.69 -1.38 -27.19
CA VAL C 151 -30.50 -1.33 -28.02
C VAL C 151 -29.32 -1.78 -27.18
N THR C 152 -28.66 -2.86 -27.61
CA THR C 152 -27.55 -3.42 -26.86
C THR C 152 -26.34 -3.53 -27.77
N ILE C 153 -25.19 -3.06 -27.28
CA ILE C 153 -23.95 -3.07 -28.05
C ILE C 153 -22.85 -3.68 -27.18
N TYR C 154 -22.03 -4.51 -27.80
CA TYR C 154 -20.98 -5.19 -27.09
C TYR C 154 -19.67 -4.88 -27.73
N ILE C 155 -18.66 -4.65 -26.91
CA ILE C 155 -17.30 -4.39 -27.37
C ILE C 155 -16.30 -5.10 -26.46
N ASP C 156 -15.43 -5.89 -27.07
CA ASP C 156 -14.22 -6.38 -26.43
C ASP C 156 -13.05 -5.72 -27.16
N THR C 157 -12.19 -5.04 -26.40
CA THR C 157 -11.07 -4.32 -27.00
C THR C 157 -9.95 -5.21 -27.54
N HIS C 158 -9.89 -6.47 -27.09
CA HIS C 158 -8.84 -7.41 -27.54
C HIS C 158 -8.95 -7.85 -29.00
N ASP C 159 -9.89 -7.27 -29.75
CA ASP C 159 -10.09 -7.61 -31.16
C ASP C 159 -9.57 -6.56 -32.15
N ILE C 160 -9.16 -5.39 -31.66
CA ILE C 160 -8.89 -4.22 -32.52
C ILE C 160 -7.49 -3.64 -32.26
N ASN C 161 -7.00 -2.81 -33.18
CA ASN C 161 -5.78 -2.00 -33.02
C ASN C 161 -4.51 -2.73 -33.48
N MET D 1 -24.30 -17.00 -33.40
CA MET D 1 -25.42 -16.35 -32.65
C MET D 1 -24.85 -15.67 -31.41
N ARG D 2 -25.44 -14.53 -31.05
CA ARG D 2 -24.93 -13.74 -29.93
C ARG D 2 -26.01 -13.49 -28.91
N VAL D 3 -25.61 -13.42 -27.65
CA VAL D 3 -26.56 -13.27 -26.59
C VAL D 3 -25.94 -12.53 -25.42
N VAL D 4 -26.74 -11.65 -24.83
CA VAL D 4 -26.42 -11.06 -23.57
C VAL D 4 -27.46 -11.57 -22.61
N ILE D 5 -26.98 -12.17 -21.52
CA ILE D 5 -27.85 -12.68 -20.48
C ILE D 5 -27.65 -11.83 -19.25
N GLN D 6 -28.76 -11.47 -18.63
CA GLN D 6 -28.77 -10.62 -17.45
C GLN D 6 -29.76 -11.17 -16.47
N ARG D 7 -29.30 -11.33 -15.23
CA ARG D 7 -30.10 -11.87 -14.14
C ARG D 7 -30.97 -10.77 -13.55
N VAL D 8 -32.25 -11.08 -13.35
CA VAL D 8 -33.23 -10.09 -12.90
C VAL D 8 -34.17 -10.61 -11.81
N LYS D 9 -34.63 -9.69 -10.96
CA LYS D 9 -35.76 -9.92 -10.06
C LYS D 9 -37.09 -9.77 -10.76
N GLY D 10 -37.09 -9.12 -11.92
CA GLY D 10 -38.32 -8.89 -12.66
C GLY D 10 -38.12 -8.05 -13.91
N ALA D 11 -39.06 -8.17 -14.83
CA ALA D 11 -39.04 -7.39 -16.06
C ALA D 11 -40.42 -7.30 -16.67
N ILE D 12 -40.85 -6.08 -17.00
CA ILE D 12 -42.16 -5.82 -17.58
C ILE D 12 -41.94 -5.20 -18.96
N LEU D 13 -42.29 -5.96 -20.01
CA LEU D 13 -42.06 -5.56 -21.39
C LEU D 13 -43.31 -4.95 -22.05
N SER D 14 -43.18 -3.72 -22.55
CA SER D 14 -44.29 -3.00 -23.17
C SER D 14 -44.02 -2.63 -24.62
N VAL D 15 -45.11 -2.48 -25.38
CA VAL D 15 -45.07 -2.04 -26.80
C VAL D 15 -46.29 -1.19 -27.11
N ARG D 16 -46.31 -0.60 -28.29
CA ARG D 16 -47.42 0.25 -28.68
C ARG D 16 -48.68 -0.59 -28.89
N LYS D 17 -49.76 -0.21 -28.22
CA LYS D 17 -51.05 -0.91 -28.34
C LYS D 17 -51.78 -0.52 -29.63
N GLU D 26 -51.16 4.56 -25.13
CA GLU D 26 -50.22 4.42 -26.24
C GLU D 26 -49.20 3.27 -26.02
N LEU D 27 -48.88 2.96 -24.75
CA LEU D 27 -48.05 1.78 -24.39
C LEU D 27 -48.82 0.72 -23.58
N GLU D 28 -48.67 -0.56 -23.95
CA GLU D 28 -49.30 -1.63 -23.18
C GLU D 28 -48.29 -2.73 -22.85
N ILE D 29 -48.42 -3.29 -21.65
CA ILE D 29 -47.62 -4.42 -21.19
C ILE D 29 -48.07 -5.65 -21.97
N ILE D 30 -47.14 -6.37 -22.58
CA ILE D 30 -47.51 -7.63 -23.25
C ILE D 30 -46.85 -8.86 -22.63
N SER D 31 -45.84 -8.67 -21.78
CA SER D 31 -45.27 -9.79 -21.02
C SER D 31 -44.54 -9.28 -19.79
N GLU D 32 -44.57 -10.10 -18.74
CA GLU D 32 -43.91 -9.80 -17.50
C GLU D 32 -43.28 -11.08 -16.93
N ILE D 33 -42.11 -10.95 -16.30
CA ILE D 33 -41.56 -12.04 -15.49
C ILE D 33 -41.13 -11.55 -14.11
N LYS D 34 -41.02 -12.51 -13.20
CA LYS D 34 -40.52 -12.28 -11.84
C LYS D 34 -39.04 -12.61 -11.89
N ASN D 35 -38.51 -13.27 -10.86
CA ASN D 35 -37.11 -13.64 -10.87
C ASN D 35 -36.75 -14.46 -12.10
N GLY D 36 -35.56 -14.24 -12.63
CA GLY D 36 -35.07 -15.04 -13.75
C GLY D 36 -34.00 -14.37 -14.57
N LEU D 37 -34.04 -14.63 -15.89
CA LEU D 37 -33.06 -14.13 -16.86
C LEU D 37 -33.75 -13.34 -17.97
N ILE D 38 -33.17 -12.21 -18.36
CA ILE D 38 -33.52 -11.58 -19.62
C ILE D 38 -32.42 -11.92 -20.57
N CYS D 39 -32.79 -12.32 -21.78
CA CYS D 39 -31.86 -12.77 -22.78
C CYS D 39 -32.13 -11.99 -24.06
N PHE D 40 -31.16 -11.15 -24.42
CA PHE D 40 -31.19 -10.39 -25.65
C PHE D 40 -30.47 -11.22 -26.70
N LEU D 41 -31.20 -11.58 -27.75
CA LEU D 41 -30.82 -12.65 -28.68
C LEU D 41 -30.65 -12.05 -30.07
N GLY D 42 -29.46 -12.19 -30.62
CA GLY D 42 -29.20 -11.73 -31.97
C GLY D 42 -28.85 -12.89 -32.86
N ILE D 43 -29.47 -12.94 -34.03
CA ILE D 43 -29.22 -14.01 -35.01
C ILE D 43 -28.29 -13.56 -36.17
N HIS D 44 -27.13 -14.21 -36.29
CA HIS D 44 -26.16 -14.01 -37.40
C HIS D 44 -26.76 -14.56 -38.69
N LYS D 45 -26.49 -13.92 -39.82
CA LYS D 45 -26.98 -14.42 -41.12
C LYS D 45 -26.56 -15.87 -41.47
N ASN D 46 -25.53 -16.40 -40.81
CA ASN D 46 -25.00 -17.74 -41.03
C ASN D 46 -25.15 -18.64 -39.80
N ASP D 47 -26.08 -18.29 -38.91
CA ASP D 47 -26.38 -19.15 -37.75
C ASP D 47 -27.09 -20.45 -38.18
N THR D 48 -26.73 -21.54 -37.51
CA THR D 48 -27.37 -22.83 -37.70
C THR D 48 -28.19 -23.19 -36.47
N TRP D 49 -28.89 -24.32 -36.52
CA TRP D 49 -29.56 -24.83 -35.35
C TRP D 49 -28.55 -25.22 -34.25
N GLU D 50 -27.31 -25.52 -34.66
CA GLU D 50 -26.21 -25.82 -33.73
C GLU D 50 -26.05 -24.68 -32.73
N ASP D 51 -25.93 -23.47 -33.26
CA ASP D 51 -25.74 -22.27 -32.44
C ASP D 51 -26.96 -22.06 -31.55
N ALA D 52 -28.15 -22.11 -32.16
CA ALA D 52 -29.40 -22.01 -31.44
C ALA D 52 -29.46 -22.94 -30.24
N LEU D 53 -28.98 -24.17 -30.41
CA LEU D 53 -28.99 -25.16 -29.32
C LEU D 53 -27.99 -24.86 -28.22
N TYR D 54 -26.80 -24.39 -28.58
CA TYR D 54 -25.82 -24.01 -27.57
C TYR D 54 -26.37 -22.92 -26.64
N ILE D 55 -26.95 -21.87 -27.24
CA ILE D 55 -27.48 -20.74 -26.46
C ILE D 55 -28.65 -21.14 -25.57
N ILE D 56 -29.58 -21.95 -26.09
CA ILE D 56 -30.71 -22.40 -25.30
C ILE D 56 -30.20 -23.19 -24.10
N ARG D 57 -29.21 -24.04 -24.32
CA ARG D 57 -28.67 -24.84 -23.25
C ARG D 57 -28.03 -23.95 -22.20
N LYS D 58 -27.22 -22.99 -22.63
CA LYS D 58 -26.51 -22.16 -21.68
C LYS D 58 -27.48 -21.27 -20.91
N CYS D 59 -28.44 -20.67 -21.61
CA CYS D 59 -29.42 -19.84 -20.93
C CYS D 59 -30.13 -20.63 -19.85
N LEU D 60 -30.44 -21.89 -20.14
CA LEU D 60 -31.18 -22.73 -19.20
C LEU D 60 -30.30 -23.40 -18.15
N ASN D 61 -29.03 -23.66 -18.46
CA ASN D 61 -28.17 -24.43 -17.57
C ASN D 61 -27.12 -23.64 -16.77
N LEU D 62 -26.66 -22.50 -17.30
CA LEU D 62 -25.68 -21.71 -16.56
C LEU D 62 -26.12 -21.46 -15.11
N ARG D 63 -25.22 -21.69 -14.16
CA ARG D 63 -25.55 -21.62 -12.76
C ARG D 63 -25.20 -20.24 -12.20
N LEU D 64 -26.13 -19.32 -12.37
CA LEU D 64 -25.92 -17.91 -12.07
C LEU D 64 -26.47 -17.50 -10.71
N TRP D 65 -27.12 -18.44 -10.01
CA TRP D 65 -27.54 -18.21 -8.64
C TRP D 65 -26.66 -18.96 -7.64
N ASN D 66 -26.56 -18.39 -6.45
CA ASN D 66 -25.96 -19.04 -5.29
C ASN D 66 -27.05 -19.82 -4.55
N ASN D 67 -26.69 -20.97 -3.98
CA ASN D 67 -27.65 -21.83 -3.28
C ASN D 67 -27.67 -21.53 -1.78
N ASP D 68 -26.71 -22.10 -1.06
CA ASP D 68 -26.56 -21.89 0.38
C ASP D 68 -25.08 -21.79 0.65
N ASN D 69 -24.56 -20.57 0.45
CA ASN D 69 -23.16 -20.29 0.71
C ASN D 69 -22.21 -21.13 -0.16
N LYS D 70 -22.76 -21.76 -1.19
CA LYS D 70 -22.01 -22.18 -2.36
C LYS D 70 -22.34 -21.16 -3.44
N THR D 71 -21.33 -20.75 -4.20
CA THR D 71 -21.51 -19.71 -5.19
C THR D 71 -21.75 -20.31 -6.56
N TRP D 72 -22.55 -19.63 -7.39
CA TRP D 72 -22.72 -20.00 -8.78
C TRP D 72 -23.12 -21.48 -8.96
N ASP D 73 -24.12 -21.93 -8.21
CA ASP D 73 -24.48 -23.36 -8.20
C ASP D 73 -25.87 -23.75 -8.74
N LYS D 74 -26.83 -22.82 -8.76
CA LYS D 74 -28.19 -23.11 -9.25
C LYS D 74 -28.51 -22.38 -10.54
N ASN D 75 -29.10 -23.10 -11.51
CA ASN D 75 -29.54 -22.50 -12.79
C ASN D 75 -30.99 -22.04 -12.71
N VAL D 76 -31.50 -21.52 -13.82
CA VAL D 76 -32.83 -20.92 -13.84
C VAL D 76 -33.93 -21.97 -13.67
N LYS D 77 -33.71 -23.16 -14.23
CA LYS D 77 -34.67 -24.26 -14.12
C LYS D 77 -34.70 -24.78 -12.69
N ASP D 78 -33.52 -25.02 -12.12
CA ASP D 78 -33.36 -25.45 -10.72
C ASP D 78 -34.25 -24.71 -9.75
N LEU D 79 -34.40 -23.39 -9.95
CA LEU D 79 -35.18 -22.52 -9.05
C LEU D 79 -36.60 -22.30 -9.52
N ASN D 80 -36.94 -22.93 -10.64
CA ASN D 80 -38.19 -22.67 -11.34
C ASN D 80 -38.39 -21.19 -11.68
N TYR D 81 -37.32 -20.54 -12.12
CA TYR D 81 -37.43 -19.13 -12.53
C TYR D 81 -37.78 -19.03 -14.01
N GLU D 82 -38.09 -17.80 -14.45
CA GLU D 82 -38.53 -17.53 -15.81
C GLU D 82 -37.43 -16.96 -16.70
N LEU D 83 -37.65 -17.04 -18.02
CA LEU D 83 -36.79 -16.38 -19.02
C LEU D 83 -37.62 -15.43 -19.89
N LEU D 84 -37.14 -14.22 -20.11
CA LEU D 84 -37.78 -13.30 -21.04
C LEU D 84 -36.80 -13.18 -22.19
N ILE D 85 -37.22 -13.62 -23.37
CA ILE D 85 -36.34 -13.63 -24.53
C ILE D 85 -36.69 -12.44 -25.42
N VAL D 86 -35.65 -11.71 -25.82
CA VAL D 86 -35.81 -10.50 -26.62
C VAL D 86 -34.91 -10.55 -27.84
N SER D 87 -35.53 -10.37 -29.00
CA SER D 87 -34.80 -10.27 -30.27
C SER D 87 -33.98 -8.97 -30.31
N GLN D 88 -32.69 -9.06 -30.60
CA GLN D 88 -31.77 -7.90 -30.71
C GLN D 88 -30.76 -8.04 -31.83
N PHE D 89 -31.02 -7.40 -32.97
CA PHE D 89 -30.03 -7.40 -34.06
C PHE D 89 -28.85 -6.47 -33.76
N THR D 90 -29.03 -5.52 -32.85
CA THR D 90 -27.99 -4.53 -32.56
C THR D 90 -26.74 -5.17 -31.99
N LEU D 91 -26.89 -6.34 -31.37
CA LEU D 91 -25.73 -7.14 -30.97
C LEU D 91 -24.71 -7.36 -32.09
N PHE D 92 -25.15 -7.34 -33.35
CA PHE D 92 -24.23 -7.41 -34.50
C PHE D 92 -23.82 -6.04 -35.04
N GLY D 93 -23.96 -5.01 -34.19
CA GLY D 93 -23.46 -3.68 -34.48
C GLY D 93 -21.95 -3.67 -34.48
N ASN D 94 -21.37 -3.63 -35.67
CA ASN D 94 -19.92 -3.55 -35.88
C ASN D 94 -19.46 -2.09 -35.75
N THR D 95 -18.52 -1.83 -34.84
CA THR D 95 -18.08 -0.47 -34.54
C THR D 95 -16.55 -0.28 -34.67
N LYS D 96 -15.91 -1.08 -35.50
CA LYS D 96 -14.44 -1.07 -35.63
C LYS D 96 -13.96 0.09 -36.52
N LYS D 97 -14.76 0.44 -37.53
CA LYS D 97 -14.42 1.52 -38.47
C LYS D 97 -14.79 2.90 -37.93
N GLY D 98 -16.08 3.25 -37.98
CA GLY D 98 -16.55 4.55 -37.53
C GLY D 98 -17.30 4.45 -36.22
N ASN D 99 -18.06 5.50 -35.91
CA ASN D 99 -18.97 5.51 -34.76
C ASN D 99 -20.43 5.31 -35.16
N LYS D 100 -20.65 4.94 -36.42
CA LYS D 100 -21.95 4.51 -36.88
C LYS D 100 -21.96 2.99 -36.91
N PRO D 101 -22.68 2.35 -35.98
CA PRO D 101 -22.67 0.90 -35.93
C PRO D 101 -23.16 0.29 -37.26
N ASP D 102 -22.44 -0.72 -37.74
CA ASP D 102 -22.74 -1.41 -38.99
C ASP D 102 -23.33 -2.79 -38.66
N PHE D 103 -24.56 -3.04 -39.08
CA PHE D 103 -25.28 -4.26 -38.70
C PHE D 103 -25.37 -5.32 -39.80
N HIS D 104 -24.40 -5.37 -40.72
CA HIS D 104 -24.48 -6.28 -41.86
C HIS D 104 -24.56 -7.77 -41.50
N LEU D 105 -23.86 -8.18 -40.45
CA LEU D 105 -23.79 -9.59 -40.09
C LEU D 105 -25.12 -10.14 -39.56
N ALA D 106 -26.06 -9.27 -39.23
CA ALA D 106 -27.37 -9.67 -38.75
C ALA D 106 -28.17 -10.37 -39.83
N LYS D 107 -28.81 -11.48 -39.47
CA LYS D 107 -29.71 -12.15 -40.38
C LYS D 107 -30.85 -11.20 -40.75
N GLU D 108 -31.17 -11.21 -42.03
CA GLU D 108 -32.30 -10.49 -42.59
C GLU D 108 -33.59 -10.82 -41.84
N PRO D 109 -34.41 -9.79 -41.53
CA PRO D 109 -35.55 -9.92 -40.60
C PRO D 109 -36.62 -10.98 -40.89
N ASN D 110 -36.96 -11.23 -42.15
CA ASN D 110 -38.06 -12.17 -42.48
C ASN D 110 -37.68 -13.60 -42.10
N GLU D 111 -36.50 -14.02 -42.55
CA GLU D 111 -35.95 -15.31 -42.14
C GLU D 111 -35.69 -15.31 -40.64
N ALA D 112 -35.13 -14.21 -40.13
CA ALA D 112 -34.80 -14.09 -38.71
C ALA D 112 -36.01 -14.34 -37.81
N LEU D 113 -37.16 -13.79 -38.17
CA LEU D 113 -38.42 -14.03 -37.44
C LEU D 113 -38.74 -15.51 -37.28
N ILE D 114 -38.65 -16.23 -38.40
CA ILE D 114 -38.98 -17.66 -38.50
C ILE D 114 -38.06 -18.47 -37.60
N PHE D 115 -36.77 -18.20 -37.71
CA PHE D 115 -35.76 -18.78 -36.81
C PHE D 115 -36.07 -18.48 -35.33
N TYR D 116 -36.32 -17.20 -35.02
CA TYR D 116 -36.61 -16.78 -33.64
C TYR D 116 -37.82 -17.51 -33.07
N ASN D 117 -38.91 -17.58 -33.83
CA ASN D 117 -40.09 -18.30 -33.37
C ASN D 117 -39.85 -19.79 -33.07
N LYS D 118 -38.93 -20.43 -33.79
CA LYS D 118 -38.63 -21.82 -33.50
C LYS D 118 -37.65 -21.99 -32.32
N ILE D 119 -36.83 -20.97 -32.05
CA ILE D 119 -36.04 -20.95 -30.82
C ILE D 119 -36.94 -20.80 -29.60
N ILE D 120 -37.93 -19.92 -29.71
CA ILE D 120 -38.96 -19.79 -28.67
C ILE D 120 -39.58 -21.15 -28.42
N ASP D 121 -39.93 -21.87 -29.49
CA ASP D 121 -40.50 -23.23 -29.38
C ASP D 121 -39.53 -24.15 -28.67
N GLU D 122 -38.31 -24.23 -29.16
CA GLU D 122 -37.36 -25.14 -28.51
C GLU D 122 -37.23 -24.81 -27.02
N PHE D 123 -37.13 -23.52 -26.66
CA PHE D 123 -37.06 -23.10 -25.25
C PHE D 123 -38.20 -23.71 -24.42
N LYS D 124 -39.42 -23.56 -24.91
CA LYS D 124 -40.59 -24.08 -24.22
C LYS D 124 -40.52 -25.61 -24.10
N LYS D 125 -40.02 -26.24 -25.16
CA LYS D 125 -39.74 -27.69 -25.20
C LYS D 125 -38.70 -28.14 -24.17
N GLN D 126 -37.51 -27.55 -24.20
CA GLN D 126 -36.46 -27.94 -23.25
C GLN D 126 -36.74 -27.52 -21.82
N TYR D 127 -37.71 -26.64 -21.62
CA TYR D 127 -38.04 -26.19 -20.28
C TYR D 127 -39.55 -26.34 -20.08
N ASN D 128 -40.29 -25.25 -20.19
CA ASN D 128 -41.70 -25.26 -19.84
C ASN D 128 -42.42 -24.11 -20.52
N ASP D 129 -43.55 -24.40 -21.17
CA ASP D 129 -44.28 -23.40 -21.94
C ASP D 129 -44.49 -22.12 -21.15
N ASP D 130 -44.95 -22.28 -19.91
CA ASP D 130 -45.33 -21.14 -19.08
C ASP D 130 -44.15 -20.31 -18.53
N LYS D 131 -42.95 -20.89 -18.45
CA LYS D 131 -41.78 -20.19 -17.91
C LYS D 131 -41.06 -19.29 -18.92
N ILE D 132 -41.68 -19.03 -20.05
CA ILE D 132 -40.97 -18.39 -21.15
C ILE D 132 -41.84 -17.33 -21.79
N LYS D 133 -41.49 -16.08 -21.51
CA LYS D 133 -42.15 -14.92 -22.07
C LYS D 133 -41.28 -14.35 -23.17
N ILE D 134 -41.90 -13.60 -24.07
CA ILE D 134 -41.19 -13.03 -25.20
C ILE D 134 -41.59 -11.56 -25.42
N GLY D 135 -40.81 -10.88 -26.25
CA GLY D 135 -41.11 -9.52 -26.65
C GLY D 135 -41.96 -9.57 -27.90
N LYS D 136 -41.85 -8.52 -28.72
CA LYS D 136 -42.55 -8.42 -29.98
C LYS D 136 -41.55 -8.07 -31.09
N PHE D 137 -41.07 -9.11 -31.77
CA PHE D 137 -40.03 -9.03 -32.79
C PHE D 137 -40.32 -7.99 -33.87
N GLY D 138 -39.34 -7.14 -34.18
CA GLY D 138 -39.52 -6.11 -35.21
C GLY D 138 -40.21 -4.83 -34.75
N ASN D 139 -40.72 -4.81 -33.51
CA ASN D 139 -41.35 -3.60 -32.96
C ASN D 139 -40.53 -2.95 -31.86
N TYR D 140 -40.74 -1.65 -31.67
CA TYR D 140 -40.19 -0.94 -30.54
C TYR D 140 -40.68 -1.57 -29.25
N MET D 141 -39.77 -1.75 -28.30
CA MET D 141 -40.12 -2.28 -26.99
C MET D 141 -39.53 -1.42 -25.85
N ASN D 142 -40.35 -1.16 -24.85
CA ASN D 142 -39.97 -0.54 -23.59
C ASN D 142 -39.89 -1.67 -22.57
N ILE D 143 -38.68 -1.96 -22.07
CA ILE D 143 -38.47 -3.05 -21.11
C ILE D 143 -37.94 -2.52 -19.80
N ASP D 144 -38.81 -2.52 -18.77
CA ASP D 144 -38.43 -2.11 -17.44
C ASP D 144 -37.85 -3.34 -16.79
N VAL D 145 -36.65 -3.22 -16.24
CA VAL D 145 -35.89 -4.37 -15.74
C VAL D 145 -35.33 -4.04 -14.38
N THR D 146 -35.54 -4.91 -13.40
CA THR D 146 -34.83 -4.83 -12.14
C THR D 146 -33.66 -5.82 -12.18
N ASN D 147 -32.48 -5.30 -12.49
CA ASN D 147 -31.24 -6.08 -12.52
C ASN D 147 -30.79 -6.43 -11.11
N ASP D 148 -30.31 -7.67 -10.94
CA ASP D 148 -30.10 -8.27 -9.63
C ASP D 148 -28.63 -8.63 -9.48
N GLY D 149 -27.83 -7.71 -8.96
CA GLY D 149 -26.43 -8.01 -8.71
C GLY D 149 -25.54 -6.82 -9.03
N PRO D 150 -25.43 -6.47 -10.31
CA PRO D 150 -26.04 -7.19 -11.42
C PRO D 150 -25.16 -8.33 -11.93
N VAL D 151 -25.74 -9.27 -12.68
CA VAL D 151 -24.96 -10.29 -13.37
C VAL D 151 -25.29 -10.23 -14.84
N THR D 152 -24.24 -10.20 -15.66
CA THR D 152 -24.34 -10.02 -17.09
C THR D 152 -23.34 -10.94 -17.75
N ILE D 153 -23.83 -11.84 -18.59
CA ILE D 153 -23.01 -12.82 -19.31
C ILE D 153 -23.18 -12.61 -20.79
N TYR D 154 -22.07 -12.65 -21.51
CA TYR D 154 -22.05 -12.55 -22.97
C TYR D 154 -21.53 -13.83 -23.61
N ILE D 155 -22.18 -14.25 -24.68
CA ILE D 155 -21.79 -15.45 -25.42
C ILE D 155 -21.92 -15.21 -26.91
N ASP D 156 -20.95 -15.70 -27.66
CA ASP D 156 -20.96 -15.65 -29.12
C ASP D 156 -20.58 -17.04 -29.57
N THR D 157 -21.51 -17.73 -30.24
CA THR D 157 -21.30 -19.11 -30.67
C THR D 157 -20.17 -19.29 -31.69
N HIS D 158 -19.88 -18.26 -32.48
CA HIS D 158 -18.77 -18.31 -33.43
C HIS D 158 -17.42 -18.24 -32.71
N ASP D 159 -17.18 -19.24 -31.85
CA ASP D 159 -15.98 -19.32 -31.00
C ASP D 159 -15.51 -20.77 -30.75
N ILE D 160 -16.02 -21.74 -31.53
CA ILE D 160 -15.90 -23.17 -31.20
C ILE D 160 -15.08 -23.94 -32.23
N MET E 1 11.78 -6.81 1.66
CA MET E 1 10.45 -7.35 2.06
C MET E 1 10.11 -6.91 3.48
N ARG E 2 8.82 -6.63 3.71
CA ARG E 2 8.34 -6.18 5.01
C ARG E 2 7.32 -7.15 5.58
N VAL E 3 7.44 -7.40 6.87
CA VAL E 3 6.47 -8.22 7.59
C VAL E 3 6.20 -7.64 8.99
N VAL E 4 4.93 -7.71 9.36
CA VAL E 4 4.48 -7.50 10.72
C VAL E 4 3.90 -8.81 11.21
N ILE E 5 4.45 -9.30 12.32
CA ILE E 5 4.02 -10.55 12.91
C ILE E 5 3.29 -10.26 14.22
N GLN E 6 2.13 -10.87 14.40
CA GLN E 6 1.41 -10.75 15.65
C GLN E 6 1.00 -12.11 16.19
N ARG E 7 1.16 -12.25 17.49
CA ARG E 7 0.92 -13.48 18.19
C ARG E 7 -0.52 -13.49 18.65
N VAL E 8 -1.22 -14.60 18.37
CA VAL E 8 -2.66 -14.67 18.50
C VAL E 8 -3.07 -15.97 19.15
N LYS E 9 -4.21 -15.96 19.85
CA LYS E 9 -4.88 -17.20 20.32
C LYS E 9 -5.77 -17.76 19.24
N GLY E 10 -6.09 -16.95 18.24
CA GLY E 10 -7.04 -17.33 17.22
C GLY E 10 -7.19 -16.23 16.20
N ALA E 11 -7.59 -16.63 15.00
CA ALA E 11 -7.80 -15.72 13.89
C ALA E 11 -8.74 -16.37 12.89
N ILE E 12 -9.73 -15.60 12.44
CA ILE E 12 -10.80 -16.10 11.59
C ILE E 12 -10.92 -15.14 10.40
N LEU E 13 -10.58 -15.63 9.21
CA LEU E 13 -10.48 -14.78 8.03
C LEU E 13 -11.66 -15.01 7.09
N SER E 14 -12.28 -13.91 6.67
CA SER E 14 -13.47 -13.90 5.81
C SER E 14 -13.27 -13.03 4.60
N VAL E 15 -13.94 -13.37 3.49
CA VAL E 15 -13.96 -12.53 2.28
C VAL E 15 -15.38 -12.27 1.80
N ARG E 16 -15.50 -11.27 0.93
CA ARG E 16 -16.76 -11.00 0.25
C ARG E 16 -17.15 -12.21 -0.56
N LYS E 17 -18.30 -12.79 -0.21
CA LYS E 17 -18.96 -13.77 -1.07
C LYS E 17 -19.25 -13.12 -2.42
N GLU E 18 -18.64 -13.63 -3.49
CA GLU E 18 -19.02 -13.22 -4.84
C GLU E 18 -20.51 -13.48 -5.00
N ASN E 19 -21.25 -12.49 -5.49
CA ASN E 19 -22.68 -12.66 -5.72
C ASN E 19 -23.42 -13.01 -4.42
N GLU E 28 -18.71 -16.99 4.09
CA GLU E 28 -17.72 -15.92 4.06
C GLU E 28 -16.37 -16.35 4.66
N ILE E 29 -16.41 -17.15 5.70
CA ILE E 29 -15.21 -17.63 6.39
C ILE E 29 -14.44 -18.56 5.48
N ILE E 30 -13.15 -18.28 5.26
CA ILE E 30 -12.31 -19.15 4.43
C ILE E 30 -11.09 -19.78 5.12
N SER E 31 -10.55 -19.14 6.15
CA SER E 31 -9.39 -19.69 6.85
C SER E 31 -9.51 -19.38 8.33
N GLU E 32 -9.05 -20.31 9.15
CA GLU E 32 -9.09 -20.18 10.60
C GLU E 32 -7.86 -20.81 11.23
N ILE E 33 -7.30 -20.16 12.26
CA ILE E 33 -6.28 -20.78 13.09
C ILE E 33 -6.62 -20.56 14.55
N LYS E 34 -6.05 -21.39 15.42
CA LYS E 34 -6.09 -21.19 16.86
C LYS E 34 -4.79 -20.47 17.21
N ASN E 35 -4.08 -20.92 18.23
CA ASN E 35 -2.84 -20.26 18.63
C ASN E 35 -1.80 -20.25 17.53
N GLY E 36 -1.11 -19.13 17.38
CA GLY E 36 -0.12 -19.03 16.35
C GLY E 36 0.33 -17.61 16.08
N LEU E 37 0.68 -17.38 14.82
CA LEU E 37 1.12 -16.09 14.33
C LEU E 37 0.23 -15.70 13.17
N ILE E 38 -0.13 -14.42 13.10
CA ILE E 38 -0.66 -13.87 11.86
C ILE E 38 0.52 -13.09 11.29
N CYS E 39 0.80 -13.27 10.01
CA CYS E 39 1.92 -12.61 9.35
C CYS E 39 1.44 -11.77 8.17
N PHE E 40 1.49 -10.45 8.33
CA PHE E 40 1.14 -9.51 7.28
C PHE E 40 2.37 -9.22 6.43
N LEU E 41 2.32 -9.61 5.16
CA LEU E 41 3.51 -9.71 4.32
C LEU E 41 3.46 -8.74 3.15
N GLY E 42 4.36 -7.76 3.11
CA GLY E 42 4.46 -6.84 1.99
C GLY E 42 5.70 -7.13 1.13
N ILE E 43 5.50 -7.23 -0.18
CA ILE E 43 6.60 -7.55 -1.11
C ILE E 43 7.10 -6.29 -1.82
N HIS E 44 8.38 -5.98 -1.64
CA HIS E 44 9.04 -4.85 -2.32
C HIS E 44 9.34 -5.17 -3.81
N LYS E 45 9.20 -4.17 -4.69
CA LYS E 45 9.38 -4.38 -6.15
C LYS E 45 10.72 -5.02 -6.54
N ASN E 46 11.78 -4.73 -5.78
CA ASN E 46 13.11 -5.32 -5.95
C ASN E 46 13.41 -6.52 -5.06
N ASP E 47 12.41 -7.17 -4.48
CA ASP E 47 12.68 -8.29 -3.56
C ASP E 47 13.12 -9.52 -4.35
N THR E 48 14.00 -10.32 -3.73
CA THR E 48 14.46 -11.57 -4.32
C THR E 48 14.04 -12.73 -3.44
N TRP E 49 14.40 -13.95 -3.87
CA TRP E 49 14.04 -15.14 -3.11
C TRP E 49 14.79 -15.16 -1.78
N GLU E 50 15.91 -14.43 -1.73
CA GLU E 50 16.73 -14.32 -0.53
C GLU E 50 15.99 -13.55 0.59
N ASP E 51 15.31 -12.48 0.22
CA ASP E 51 14.44 -11.74 1.15
C ASP E 51 13.38 -12.65 1.73
N ALA E 52 12.68 -13.36 0.84
CA ALA E 52 11.60 -14.27 1.24
C ALA E 52 12.04 -15.35 2.23
N LEU E 53 13.21 -15.96 2.00
CA LEU E 53 13.69 -17.04 2.89
C LEU E 53 14.05 -16.51 4.27
N TYR E 54 14.64 -15.32 4.32
CA TYR E 54 14.93 -14.67 5.59
C TYR E 54 13.63 -14.48 6.39
N ILE E 55 12.59 -13.95 5.75
CA ILE E 55 11.28 -13.73 6.40
C ILE E 55 10.67 -15.04 6.86
N ILE E 56 10.74 -16.06 6.01
CA ILE E 56 10.18 -17.37 6.37
C ILE E 56 10.92 -17.95 7.57
N ARG E 57 12.24 -17.94 7.52
CA ARG E 57 13.05 -18.43 8.64
C ARG E 57 12.63 -17.72 9.93
N LYS E 58 12.53 -16.40 9.89
CA LYS E 58 12.18 -15.62 11.08
C LYS E 58 10.77 -15.96 11.60
N CYS E 59 9.80 -15.98 10.71
CA CYS E 59 8.44 -16.36 11.08
C CYS E 59 8.38 -17.72 11.79
N LEU E 60 9.17 -18.68 11.33
CA LEU E 60 9.05 -20.06 11.81
C LEU E 60 9.91 -20.33 13.03
N ASN E 61 10.98 -19.56 13.20
CA ASN E 61 11.93 -19.80 14.28
C ASN E 61 11.97 -18.73 15.36
N LEU E 62 11.36 -17.56 15.12
CA LEU E 62 11.35 -16.53 16.17
C LEU E 62 10.74 -17.09 17.46
N ARG E 63 11.43 -16.85 18.57
CA ARG E 63 11.06 -17.44 19.84
C ARG E 63 10.17 -16.45 20.61
N LEU E 64 8.88 -16.50 20.27
CA LEU E 64 7.90 -15.46 20.68
C LEU E 64 7.00 -15.94 21.81
N TRP E 65 7.26 -17.17 22.27
CA TRP E 65 6.58 -17.73 23.43
C TRP E 65 7.59 -18.11 24.53
N ASN E 66 7.07 -18.27 25.74
CA ASN E 66 7.86 -18.68 26.91
C ASN E 66 7.95 -20.19 27.07
N ASN E 67 9.08 -20.63 27.64
CA ASN E 67 9.14 -21.90 28.34
C ASN E 67 8.65 -21.67 29.76
N ASP E 68 8.52 -22.74 30.54
CA ASP E 68 8.00 -22.65 31.92
C ASP E 68 8.94 -21.94 32.85
N ASN E 69 10.23 -21.92 32.49
CA ASN E 69 11.28 -21.34 33.33
C ASN E 69 12.00 -20.13 32.72
N LYS E 70 11.71 -19.81 31.46
CA LYS E 70 12.29 -18.61 30.84
C LYS E 70 11.41 -18.06 29.73
N THR E 71 11.66 -16.79 29.41
CA THR E 71 10.85 -16.08 28.44
C THR E 71 11.50 -16.14 27.08
N TRP E 72 10.69 -15.90 26.04
CA TRP E 72 11.18 -15.74 24.67
C TRP E 72 12.05 -16.94 24.24
N ASP E 73 11.52 -18.12 24.49
CA ASP E 73 12.28 -19.37 24.37
C ASP E 73 11.69 -20.42 23.42
N LYS E 74 10.47 -20.23 22.94
CA LYS E 74 9.84 -21.18 22.00
C LYS E 74 9.25 -20.49 20.79
N ASN E 75 9.39 -21.18 19.65
CA ASN E 75 8.91 -20.72 18.34
C ASN E 75 7.67 -21.50 17.97
N VAL E 76 7.05 -21.11 16.87
CA VAL E 76 5.72 -21.62 16.49
C VAL E 76 5.70 -23.12 16.31
N LYS E 77 6.82 -23.62 15.78
CA LYS E 77 6.98 -25.04 15.46
C LYS E 77 7.05 -25.84 16.74
N ASP E 78 7.92 -25.41 17.65
CA ASP E 78 8.06 -26.04 18.98
C ASP E 78 6.72 -26.32 19.65
N LEU E 79 5.76 -25.41 19.50
CA LEU E 79 4.47 -25.53 20.19
C LEU E 79 3.41 -26.16 19.28
N ASN E 80 3.82 -26.48 18.06
CA ASN E 80 2.95 -27.07 17.04
C ASN E 80 1.79 -26.13 16.69
N TYR E 81 2.09 -24.85 16.62
CA TYR E 81 1.10 -23.82 16.39
C TYR E 81 0.99 -23.50 14.91
N GLU E 82 0.14 -22.55 14.57
CA GLU E 82 -0.18 -22.25 13.19
C GLU E 82 0.30 -20.88 12.78
N LEU E 83 0.26 -20.64 11.47
CA LEU E 83 0.57 -19.34 10.91
C LEU E 83 -0.50 -19.00 9.89
N LEU E 84 -0.99 -17.75 9.95
CA LEU E 84 -1.87 -17.21 8.92
C LEU E 84 -1.07 -16.14 8.20
N ILE E 85 -0.84 -16.33 6.91
CA ILE E 85 -0.09 -15.39 6.12
C ILE E 85 -1.05 -14.55 5.29
N VAL E 86 -0.90 -13.24 5.33
CA VAL E 86 -1.81 -12.36 4.62
C VAL E 86 -1.00 -11.37 3.85
N SER E 87 -1.27 -11.30 2.54
CA SER E 87 -0.74 -10.29 1.66
C SER E 87 -1.11 -8.90 2.15
N GLN E 88 -0.11 -8.02 2.33
CA GLN E 88 -0.35 -6.63 2.75
C GLN E 88 0.63 -5.66 2.10
N PHE E 89 0.21 -5.12 0.95
CA PHE E 89 0.98 -4.13 0.23
C PHE E 89 0.98 -2.78 0.95
N THR E 90 0.04 -2.56 1.87
CA THR E 90 -0.02 -1.28 2.58
C THR E 90 1.19 -1.04 3.44
N LEU E 91 1.93 -2.10 3.76
CA LEU E 91 3.21 -1.93 4.45
C LEU E 91 4.19 -1.03 3.69
N PHE E 92 3.99 -0.84 2.38
CA PHE E 92 4.83 0.09 1.62
C PHE E 92 4.13 1.41 1.32
N GLY E 93 3.12 1.74 2.09
CA GLY E 93 2.46 3.03 1.93
C GLY E 93 3.39 4.04 2.55
N ASN E 94 4.05 4.82 1.70
CA ASN E 94 4.88 5.92 2.16
C ASN E 94 4.01 7.11 2.57
N THR E 95 4.15 7.51 3.83
CA THR E 95 3.29 8.51 4.45
C THR E 95 4.03 9.83 4.69
N LYS E 96 5.18 10.00 4.05
CA LYS E 96 6.01 11.19 4.26
C LYS E 96 5.45 12.46 3.61
N LYS E 97 4.97 12.34 2.39
CA LYS E 97 4.62 13.50 1.57
C LYS E 97 3.39 14.25 2.09
N GLY E 98 2.21 13.64 1.94
CA GLY E 98 0.99 14.18 2.53
C GLY E 98 0.32 13.13 3.41
N ASN E 99 -1.01 13.17 3.45
CA ASN E 99 -1.79 12.24 4.27
C ASN E 99 -2.38 11.10 3.48
N LYS E 100 -2.13 11.10 2.18
CA LYS E 100 -2.59 10.03 1.31
C LYS E 100 -1.40 9.11 1.14
N PRO E 101 -1.50 7.87 1.67
CA PRO E 101 -0.37 6.97 1.53
C PRO E 101 -0.06 6.71 0.06
N ASP E 102 1.18 6.37 -0.22
CA ASP E 102 1.71 6.27 -1.56
C ASP E 102 2.47 4.96 -1.66
N PHE E 103 2.01 4.05 -2.52
CA PHE E 103 2.45 2.65 -2.54
C PHE E 103 3.41 2.31 -3.71
N HIS E 104 4.20 3.30 -4.12
CA HIS E 104 5.13 3.16 -5.23
C HIS E 104 6.08 1.98 -5.10
N LEU E 105 6.67 1.80 -3.93
CA LEU E 105 7.72 0.77 -3.75
C LEU E 105 7.20 -0.67 -3.83
N ALA E 106 5.90 -0.86 -3.69
CA ALA E 106 5.30 -2.20 -3.68
C ALA E 106 5.46 -2.88 -5.03
N LYS E 107 5.61 -4.19 -5.01
CA LYS E 107 5.72 -4.97 -6.23
C LYS E 107 4.38 -4.92 -6.96
N GLU E 108 4.44 -4.93 -8.29
CA GLU E 108 3.24 -4.90 -9.13
C GLU E 108 2.37 -6.17 -8.89
N PRO E 109 1.06 -6.00 -8.63
CA PRO E 109 0.15 -7.07 -8.12
C PRO E 109 0.17 -8.45 -8.79
N ASN E 110 0.32 -8.52 -10.11
CA ASN E 110 0.26 -9.80 -10.83
C ASN E 110 1.50 -10.66 -10.56
N GLU E 111 2.67 -10.02 -10.54
CA GLU E 111 3.91 -10.72 -10.23
C GLU E 111 3.94 -10.99 -8.72
N ALA E 112 3.58 -9.99 -7.93
CA ALA E 112 3.47 -10.15 -6.48
C ALA E 112 2.74 -11.44 -6.13
N LEU E 113 1.58 -11.66 -6.76
CA LEU E 113 0.76 -12.85 -6.51
C LEU E 113 1.55 -14.12 -6.80
N ILE E 114 2.22 -14.12 -7.94
CA ILE E 114 3.07 -15.25 -8.32
C ILE E 114 4.10 -15.51 -7.22
N PHE E 115 4.81 -14.46 -6.82
CA PHE E 115 5.85 -14.52 -5.80
C PHE E 115 5.27 -15.02 -4.47
N TYR E 116 4.13 -14.45 -4.07
CA TYR E 116 3.50 -14.77 -2.79
C TYR E 116 3.15 -16.26 -2.71
N ASN E 117 2.56 -16.79 -3.76
CA ASN E 117 2.24 -18.23 -3.78
C ASN E 117 3.44 -19.16 -3.61
N LYS E 118 4.59 -18.72 -4.12
CA LYS E 118 5.86 -19.44 -3.93
C LYS E 118 6.35 -19.34 -2.48
N ILE E 119 6.12 -18.19 -1.87
CA ILE E 119 6.35 -18.03 -0.43
C ILE E 119 5.48 -19.00 0.36
N ILE E 120 4.19 -19.07 0.07
CA ILE E 120 3.34 -20.00 0.80
C ILE E 120 3.86 -21.43 0.64
N ASP E 121 4.23 -21.79 -0.59
CA ASP E 121 4.70 -23.15 -0.83
C ASP E 121 5.91 -23.47 0.04
N GLU E 122 6.81 -22.51 0.16
CA GLU E 122 8.05 -22.70 0.91
C GLU E 122 7.79 -22.75 2.41
N PHE E 123 6.87 -21.90 2.89
CA PHE E 123 6.40 -22.03 4.26
C PHE E 123 5.95 -23.47 4.52
N LYS E 124 5.09 -23.98 3.62
CA LYS E 124 4.52 -25.30 3.81
C LYS E 124 5.59 -26.40 3.79
N LYS E 125 6.61 -26.20 2.96
CA LYS E 125 7.72 -27.15 2.89
C LYS E 125 8.53 -27.17 4.20
N GLN E 126 8.95 -26.00 4.67
CA GLN E 126 9.75 -25.91 5.90
C GLN E 126 8.98 -26.32 7.16
N TYR E 127 7.65 -26.27 7.14
CA TYR E 127 6.87 -26.68 8.31
C TYR E 127 5.95 -27.86 8.02
N ASN E 128 4.77 -27.59 7.46
CA ASN E 128 3.65 -28.53 7.45
C ASN E 128 2.49 -27.87 6.68
N ASP E 129 1.92 -28.57 5.69
CA ASP E 129 0.79 -28.01 4.90
C ASP E 129 -0.40 -27.58 5.77
N ASP E 130 -0.78 -28.40 6.74
CA ASP E 130 -1.95 -28.08 7.55
C ASP E 130 -1.70 -26.97 8.59
N LYS E 131 -0.45 -26.57 8.81
CA LYS E 131 -0.17 -25.50 9.79
C LYS E 131 -0.14 -24.10 9.18
N ILE E 132 -0.20 -23.99 7.84
CA ILE E 132 -0.11 -22.72 7.13
C ILE E 132 -1.42 -22.36 6.44
N LYS E 133 -2.15 -21.38 6.99
CA LYS E 133 -3.36 -20.85 6.35
C LYS E 133 -3.02 -19.55 5.63
N ILE E 134 -3.84 -19.19 4.66
CA ILE E 134 -3.62 -17.94 3.93
C ILE E 134 -4.92 -17.19 3.67
N GLY E 135 -4.77 -15.93 3.26
CA GLY E 135 -5.91 -15.10 2.85
C GLY E 135 -6.19 -15.28 1.37
N LYS E 136 -6.85 -14.29 0.77
CA LYS E 136 -7.11 -14.31 -0.68
C LYS E 136 -6.54 -13.05 -1.34
N PHE E 137 -5.32 -13.19 -1.82
CA PHE E 137 -4.60 -12.13 -2.46
C PHE E 137 -5.52 -11.24 -3.29
N GLY E 138 -5.40 -9.91 -3.09
CA GLY E 138 -6.07 -8.91 -3.92
C GLY E 138 -7.56 -8.73 -3.65
N ASN E 139 -8.06 -9.34 -2.58
CA ASN E 139 -9.46 -9.23 -2.21
C ASN E 139 -9.66 -8.60 -0.83
N TYR E 140 -10.86 -8.08 -0.63
CA TYR E 140 -11.25 -7.53 0.65
C TYR E 140 -11.35 -8.67 1.63
N MET E 141 -10.75 -8.49 2.80
CA MET E 141 -10.86 -9.46 3.87
C MET E 141 -11.23 -8.78 5.18
N ASN E 142 -11.88 -9.57 6.00
CA ASN E 142 -12.31 -9.21 7.34
C ASN E 142 -11.63 -10.25 8.24
N ILE E 143 -10.75 -9.81 9.13
CA ILE E 143 -10.04 -10.75 10.01
C ILE E 143 -10.35 -10.51 11.46
N ASP E 144 -11.08 -11.43 12.10
CA ASP E 144 -11.29 -11.44 13.55
C ASP E 144 -10.10 -12.10 14.27
N VAL E 145 -9.22 -11.27 14.83
CA VAL E 145 -8.03 -11.74 15.50
C VAL E 145 -8.16 -11.64 17.01
N THR E 146 -7.54 -12.58 17.74
CA THR E 146 -7.38 -12.46 19.18
C THR E 146 -5.90 -12.26 19.55
N ASN E 147 -5.48 -11.01 19.68
CA ASN E 147 -4.10 -10.71 20.03
C ASN E 147 -3.82 -11.11 21.47
N ASP E 148 -2.74 -11.87 21.60
CA ASP E 148 -2.37 -12.57 22.81
C ASP E 148 -1.13 -11.90 23.38
N GLY E 149 -1.33 -10.92 24.26
CA GLY E 149 -0.21 -10.16 24.85
C GLY E 149 -0.45 -8.66 24.96
N PRO E 150 -0.50 -7.95 23.83
CA PRO E 150 -0.24 -8.47 22.50
C PRO E 150 1.26 -8.45 22.18
N VAL E 151 1.67 -9.14 21.12
CA VAL E 151 3.08 -9.21 20.76
C VAL E 151 3.21 -8.98 19.28
N THR E 152 3.96 -7.93 18.93
CA THR E 152 4.03 -7.46 17.58
C THR E 152 5.49 -7.26 17.22
N ILE E 153 5.94 -7.98 16.20
CA ILE E 153 7.31 -7.88 15.69
C ILE E 153 7.26 -7.32 14.27
N TYR E 154 8.24 -6.48 13.92
CA TYR E 154 8.38 -5.92 12.58
C TYR E 154 9.75 -6.28 12.02
N ILE E 155 9.81 -6.56 10.71
CA ILE E 155 11.10 -6.86 10.04
C ILE E 155 11.06 -6.32 8.62
N ASP E 156 12.08 -5.56 8.26
CA ASP E 156 12.27 -5.09 6.90
C ASP E 156 13.65 -5.61 6.48
N THR E 157 13.67 -6.50 5.49
CA THR E 157 14.92 -7.16 5.10
C THR E 157 15.92 -6.21 4.48
N HIS E 158 15.47 -5.05 4.04
CA HIS E 158 16.36 -4.02 3.52
C HIS E 158 17.00 -3.18 4.63
N ASP E 159 17.14 -3.75 5.83
CA ASP E 159 17.90 -3.14 6.94
C ASP E 159 18.81 -4.17 7.65
N ILE E 160 19.52 -4.98 6.86
CA ILE E 160 20.44 -6.02 7.38
C ILE E 160 21.81 -5.96 6.67
N MET F 1 10.72 6.57 17.31
CA MET F 1 9.42 5.97 17.75
C MET F 1 8.79 5.16 16.63
N ARG F 2 8.17 4.04 16.97
CA ARG F 2 7.59 3.17 15.95
C ARG F 2 6.14 2.93 16.22
N VAL F 3 5.36 2.87 15.15
CA VAL F 3 3.97 2.49 15.28
C VAL F 3 3.52 1.51 14.17
N VAL F 4 2.62 0.60 14.55
CA VAL F 4 1.83 -0.17 13.62
C VAL F 4 0.37 0.24 13.80
N ILE F 5 -0.21 0.76 12.72
CA ILE F 5 -1.60 1.20 12.69
C ILE F 5 -2.42 0.18 11.89
N GLN F 6 -3.47 -0.35 12.49
CA GLN F 6 -4.39 -1.26 11.81
C GLN F 6 -5.80 -0.70 11.86
N ARG F 7 -6.46 -0.73 10.70
CA ARG F 7 -7.82 -0.24 10.53
C ARG F 7 -8.81 -1.30 11.00
N VAL F 8 -9.72 -0.91 11.90
CA VAL F 8 -10.68 -1.88 12.47
C VAL F 8 -12.16 -1.49 12.37
N LYS F 9 -13.02 -2.50 12.40
CA LYS F 9 -14.46 -2.35 12.59
C LYS F 9 -14.81 -2.38 14.07
N GLY F 10 -13.97 -3.01 14.87
CA GLY F 10 -14.09 -2.98 16.33
C GLY F 10 -12.90 -3.60 17.04
N ALA F 11 -12.80 -3.35 18.33
CA ALA F 11 -11.74 -3.90 19.15
C ALA F 11 -12.22 -3.92 20.58
N ILE F 12 -11.90 -5.01 21.26
CA ILE F 12 -12.34 -5.26 22.61
C ILE F 12 -11.13 -5.71 23.44
N LEU F 13 -10.63 -4.82 24.28
CA LEU F 13 -9.42 -5.04 25.04
C LEU F 13 -9.75 -5.51 26.43
N SER F 14 -9.32 -6.72 26.77
CA SER F 14 -9.57 -7.31 28.08
C SER F 14 -8.29 -7.58 28.86
N VAL F 15 -8.40 -7.52 30.19
CA VAL F 15 -7.29 -7.82 31.11
C VAL F 15 -7.74 -8.75 32.22
N ARG F 16 -6.77 -9.15 33.05
CA ARG F 16 -7.03 -10.01 34.22
C ARG F 16 -7.70 -9.19 35.32
N LYS F 17 -8.80 -9.70 35.88
CA LYS F 17 -9.57 -8.97 36.90
C LYS F 17 -9.21 -9.35 38.33
N GLU F 26 -11.72 -15.04 34.56
CA GLU F 26 -10.49 -14.30 34.87
C GLU F 26 -10.36 -12.97 34.09
N LEU F 27 -10.90 -12.92 32.86
CA LEU F 27 -10.77 -11.73 32.02
C LEU F 27 -11.96 -10.79 32.11
N GLU F 28 -11.69 -9.49 32.09
CA GLU F 28 -12.74 -8.48 31.98
C GLU F 28 -12.38 -7.40 30.98
N ILE F 29 -13.39 -6.90 30.29
CA ILE F 29 -13.23 -5.83 29.30
C ILE F 29 -13.00 -4.52 30.03
N ILE F 30 -12.13 -3.67 29.47
CA ILE F 30 -11.85 -2.35 30.05
C ILE F 30 -11.89 -1.21 29.03
N SER F 31 -11.72 -1.52 27.75
CA SER F 31 -11.95 -0.56 26.69
C SER F 31 -12.43 -1.30 25.45
N GLU F 32 -13.23 -0.60 24.66
CA GLU F 32 -13.78 -1.13 23.44
C GLU F 32 -13.96 0.01 22.47
N ILE F 33 -13.78 -0.26 21.18
CA ILE F 33 -14.13 0.69 20.14
C ILE F 33 -14.94 0.01 19.04
N LYS F 34 -15.63 0.84 18.25
CA LYS F 34 -16.23 0.42 17.00
C LYS F 34 -15.19 0.69 15.91
N ASN F 35 -15.60 1.26 14.77
CA ASN F 35 -14.69 1.45 13.68
C ASN F 35 -13.63 2.43 14.09
N GLY F 36 -12.47 2.36 13.46
CA GLY F 36 -11.33 3.20 13.83
C GLY F 36 -9.98 2.57 13.55
N LEU F 37 -9.03 2.88 14.41
CA LEU F 37 -7.67 2.43 14.30
C LEU F 37 -7.24 1.85 15.61
N ILE F 38 -6.59 0.69 15.57
CA ILE F 38 -5.77 0.26 16.71
C ILE F 38 -4.33 0.62 16.38
N CYS F 39 -3.66 1.28 17.31
CA CYS F 39 -2.30 1.76 17.15
C CYS F 39 -1.38 1.12 18.20
N PHE F 40 -0.43 0.30 17.72
CA PHE F 40 0.57 -0.35 18.57
C PHE F 40 1.81 0.53 18.59
N LEU F 41 2.03 1.17 19.73
CA LEU F 41 3.01 2.24 19.86
C LEU F 41 4.27 1.78 20.64
N GLY F 42 5.44 1.85 20.00
CA GLY F 42 6.69 1.51 20.67
C GLY F 42 7.55 2.74 20.87
N ILE F 43 8.08 2.93 22.08
CA ILE F 43 8.92 4.09 22.38
C ILE F 43 10.42 3.72 22.37
N HIS F 44 11.19 4.35 21.49
CA HIS F 44 12.64 4.13 21.39
C HIS F 44 13.39 4.93 22.45
N LYS F 45 14.47 4.37 22.98
CA LYS F 45 15.10 4.97 24.18
C LYS F 45 15.60 6.42 24.01
N ASN F 46 15.90 6.86 22.78
CA ASN F 46 16.18 8.26 22.49
C ASN F 46 15.04 9.02 21.80
N ASP F 47 13.80 8.58 22.02
CA ASP F 47 12.66 9.30 21.47
C ASP F 47 12.51 10.64 22.17
N THR F 48 12.22 11.66 21.37
CA THR F 48 11.91 13.00 21.85
C THR F 48 10.43 13.26 21.64
N TRP F 49 9.97 14.41 22.09
CA TRP F 49 8.57 14.78 21.94
C TRP F 49 8.23 14.96 20.47
N GLU F 50 9.18 15.53 19.72
CA GLU F 50 9.05 15.69 18.27
C GLU F 50 8.77 14.36 17.54
N ASP F 51 9.31 13.27 18.05
CA ASP F 51 9.00 11.95 17.54
C ASP F 51 7.54 11.68 17.83
N ALA F 52 7.15 11.88 19.08
CA ALA F 52 5.75 11.68 19.45
C ALA F 52 4.78 12.49 18.58
N LEU F 53 5.10 13.74 18.28
CA LEU F 53 4.14 14.62 17.59
C LEU F 53 3.96 14.20 16.12
N TYR F 54 5.01 13.63 15.53
CA TYR F 54 4.87 13.10 14.17
C TYR F 54 3.91 11.91 14.18
N ILE F 55 4.10 10.95 15.08
CA ILE F 55 3.23 9.79 15.15
C ILE F 55 1.77 10.20 15.39
N ILE F 56 1.58 11.18 16.27
CA ILE F 56 0.22 11.56 16.68
C ILE F 56 -0.49 12.10 15.45
N ARG F 57 0.12 13.03 14.75
CA ARG F 57 -0.53 13.63 13.57
C ARG F 57 -0.77 12.64 12.41
N LYS F 58 0.16 11.72 12.19
CA LYS F 58 -0.06 10.70 11.17
C LYS F 58 -1.25 9.78 11.52
N CYS F 59 -1.26 9.24 12.71
CA CYS F 59 -2.41 8.40 13.11
C CYS F 59 -3.75 9.13 12.89
N LEU F 60 -3.79 10.43 13.17
CA LEU F 60 -5.03 11.19 13.17
C LEU F 60 -5.37 11.74 11.82
N ASN F 61 -4.36 12.08 11.03
CA ASN F 61 -4.61 12.67 9.72
C ASN F 61 -4.42 11.74 8.53
N LEU F 62 -3.85 10.55 8.72
CA LEU F 62 -3.76 9.61 7.59
C LEU F 62 -5.15 9.24 7.03
N ARG F 63 -5.26 9.30 5.70
CA ARG F 63 -6.50 9.03 5.00
C ARG F 63 -6.58 7.55 4.60
N LEU F 64 -7.15 6.78 5.51
CA LEU F 64 -7.13 5.33 5.47
C LEU F 64 -8.44 4.72 5.05
N TRP F 65 -9.47 5.55 4.86
CA TRP F 65 -10.77 5.07 4.43
C TRP F 65 -11.12 5.61 3.07
N ASN F 66 -11.94 4.85 2.36
CA ASN F 66 -12.55 5.29 1.12
C ASN F 66 -13.77 6.15 1.43
N ASN F 67 -14.25 6.84 0.41
CA ASN F 67 -15.46 7.65 0.52
C ASN F 67 -16.06 7.88 -0.87
N ASP F 68 -17.32 7.50 -1.05
CA ASP F 68 -18.04 7.59 -2.34
C ASP F 68 -17.12 7.48 -3.56
N ASN F 69 -16.51 6.31 -3.70
CA ASN F 69 -15.59 5.99 -4.80
C ASN F 69 -14.38 6.91 -4.92
N LYS F 70 -13.83 7.29 -3.78
CA LYS F 70 -12.49 7.86 -3.69
C LYS F 70 -11.75 7.00 -2.67
N THR F 71 -10.58 6.49 -3.06
CA THR F 71 -9.80 5.65 -2.17
C THR F 71 -8.84 6.50 -1.34
N TRP F 72 -8.61 6.08 -0.09
CA TRP F 72 -7.60 6.67 0.75
C TRP F 72 -7.90 8.13 0.88
N ASP F 73 -9.13 8.43 1.29
CA ASP F 73 -9.68 9.77 1.16
C ASP F 73 -9.97 10.44 2.51
N LYS F 74 -10.56 9.71 3.47
CA LYS F 74 -10.92 10.25 4.77
C LYS F 74 -10.13 9.65 5.91
N ASN F 75 -9.87 10.50 6.91
CA ASN F 75 -9.16 10.11 8.13
C ASN F 75 -10.09 9.77 9.28
N VAL F 76 -9.51 9.29 10.38
CA VAL F 76 -10.28 8.82 11.52
C VAL F 76 -11.18 9.93 12.13
N LYS F 77 -10.69 11.17 12.09
CA LYS F 77 -11.40 12.30 12.63
C LYS F 77 -12.56 12.69 11.72
N ASP F 78 -12.32 12.70 10.41
CA ASP F 78 -13.38 13.02 9.43
C ASP F 78 -14.63 12.16 9.65
N LEU F 79 -14.42 10.89 9.95
CA LEU F 79 -15.51 9.92 10.12
C LEU F 79 -15.92 9.78 11.56
N ASN F 80 -15.40 10.67 12.40
CA ASN F 80 -15.66 10.62 13.83
C ASN F 80 -15.43 9.23 14.46
N TYR F 81 -14.42 8.52 13.99
CA TYR F 81 -14.14 7.16 14.47
C TYR F 81 -13.24 7.18 15.70
N GLU F 82 -12.98 5.99 16.27
CA GLU F 82 -12.25 5.86 17.54
C GLU F 82 -10.80 5.39 17.35
N LEU F 83 -9.95 5.64 18.34
CA LEU F 83 -8.58 5.11 18.32
C LEU F 83 -8.32 4.33 19.57
N LEU F 84 -7.80 3.11 19.42
CA LEU F 84 -7.33 2.33 20.56
C LEU F 84 -5.82 2.30 20.52
N ILE F 85 -5.19 2.90 21.53
CA ILE F 85 -3.74 3.05 21.58
C ILE F 85 -3.15 2.06 22.57
N VAL F 86 -2.37 1.11 22.07
CA VAL F 86 -1.70 0.10 22.91
C VAL F 86 -0.17 0.23 22.91
N SER F 87 0.42 0.13 24.10
CA SER F 87 1.86 0.18 24.29
C SER F 87 2.49 -1.12 23.84
N GLN F 88 3.61 -1.05 23.13
CA GLN F 88 4.19 -2.24 22.51
C GLN F 88 5.71 -2.08 22.36
N PHE F 89 6.44 -2.48 23.40
CA PHE F 89 7.90 -2.44 23.40
C PHE F 89 8.52 -3.47 22.44
N THR F 90 7.74 -4.49 22.08
CA THR F 90 8.22 -5.57 21.21
C THR F 90 8.52 -5.13 19.78
N LEU F 91 8.01 -3.97 19.38
CA LEU F 91 8.42 -3.37 18.11
C LEU F 91 9.92 -3.07 18.05
N PHE F 92 10.59 -3.06 19.20
CA PHE F 92 12.04 -2.94 19.24
C PHE F 92 12.69 -4.27 19.54
N GLY F 93 12.00 -5.35 19.18
CA GLY F 93 12.59 -6.68 19.23
C GLY F 93 13.53 -6.82 18.05
N ASN F 94 14.81 -6.57 18.29
CA ASN F 94 15.83 -6.82 17.29
C ASN F 94 15.97 -8.33 17.07
N THR F 95 15.80 -8.76 15.83
CA THR F 95 15.87 -10.17 15.45
C THR F 95 17.00 -10.45 14.44
N LYS F 96 17.91 -9.48 14.28
CA LYS F 96 18.96 -9.54 13.27
C LYS F 96 19.99 -10.63 13.51
N LYS F 97 20.46 -10.75 14.74
CA LYS F 97 21.61 -11.58 15.06
C LYS F 97 21.24 -12.93 15.69
N GLY F 98 19.95 -13.18 15.89
CA GLY F 98 19.50 -14.46 16.41
C GLY F 98 18.00 -14.64 16.35
N ASN F 99 17.49 -15.64 17.04
CA ASN F 99 16.05 -15.92 17.06
C ASN F 99 15.36 -15.59 18.39
N LYS F 100 16.15 -15.21 19.39
CA LYS F 100 15.60 -14.67 20.64
C LYS F 100 15.59 -13.16 20.44
N PRO F 101 14.39 -12.55 20.39
CA PRO F 101 14.36 -11.10 20.19
C PRO F 101 15.05 -10.34 21.33
N ASP F 102 15.85 -9.34 20.97
CA ASP F 102 16.53 -8.46 21.92
C ASP F 102 15.87 -7.07 21.90
N PHE F 103 15.44 -6.60 23.08
CA PHE F 103 14.64 -5.37 23.19
C PHE F 103 15.44 -4.16 23.68
N HIS F 104 16.75 -4.26 23.60
CA HIS F 104 17.70 -3.30 24.17
C HIS F 104 17.43 -1.82 23.81
N LEU F 105 16.95 -1.58 22.60
CA LEU F 105 16.65 -0.23 22.14
C LEU F 105 15.35 0.39 22.71
N ALA F 106 14.44 -0.44 23.20
CA ALA F 106 13.22 0.06 23.83
C ALA F 106 13.56 0.98 24.99
N LYS F 107 12.79 2.04 25.16
CA LYS F 107 12.97 2.94 26.31
C LYS F 107 12.61 2.21 27.60
N GLU F 108 13.32 2.58 28.67
CA GLU F 108 13.04 2.12 30.04
C GLU F 108 11.53 2.23 30.36
N PRO F 109 10.90 1.14 30.88
CA PRO F 109 9.46 1.11 31.10
C PRO F 109 8.90 2.32 31.85
N ASN F 110 9.54 2.70 32.95
CA ASN F 110 9.08 3.86 33.75
C ASN F 110 8.97 5.12 32.90
N GLU F 111 10.04 5.46 32.18
CA GLU F 111 10.01 6.59 31.24
C GLU F 111 9.04 6.36 30.11
N ALA F 112 8.95 5.13 29.61
CA ALA F 112 8.04 4.84 28.51
C ALA F 112 6.58 5.09 28.91
N LEU F 113 6.22 4.81 30.17
CA LEU F 113 4.91 5.17 30.71
C LEU F 113 4.67 6.68 30.66
N ILE F 114 5.71 7.46 30.94
CA ILE F 114 5.61 8.91 30.90
C ILE F 114 5.35 9.42 29.49
N PHE F 115 6.15 8.99 28.52
CA PHE F 115 5.84 9.29 27.14
C PHE F 115 4.42 8.82 26.82
N TYR F 116 4.13 7.55 27.09
CA TYR F 116 2.86 6.99 26.69
C TYR F 116 1.69 7.87 27.20
N ASN F 117 1.71 8.20 28.49
CA ASN F 117 0.59 8.98 29.10
C ASN F 117 0.47 10.37 28.50
N LYS F 118 1.57 11.09 28.34
CA LYS F 118 1.49 12.39 27.69
C LYS F 118 0.94 12.23 26.27
N ILE F 119 1.36 11.16 25.59
CA ILE F 119 0.94 10.92 24.20
C ILE F 119 -0.57 10.76 24.16
N ILE F 120 -1.13 10.05 25.13
CA ILE F 120 -2.58 9.95 25.23
C ILE F 120 -3.17 11.33 25.43
N ASP F 121 -2.67 12.06 26.42
CA ASP F 121 -3.14 13.40 26.68
C ASP F 121 -3.17 14.18 25.38
N GLU F 122 -2.09 14.10 24.62
CA GLU F 122 -1.97 14.85 23.37
C GLU F 122 -2.94 14.39 22.29
N PHE F 123 -3.16 13.09 22.17
CA PHE F 123 -4.18 12.57 21.25
C PHE F 123 -5.54 13.20 21.58
N LYS F 124 -5.88 13.20 22.86
CA LYS F 124 -7.18 13.74 23.30
C LYS F 124 -7.31 15.22 22.97
N LYS F 125 -6.25 15.99 23.24
CA LYS F 125 -6.23 17.41 22.93
C LYS F 125 -6.47 17.64 21.47
N GLN F 126 -5.78 16.87 20.61
CA GLN F 126 -5.89 17.07 19.17
C GLN F 126 -7.13 16.48 18.51
N TYR F 127 -7.92 15.71 19.26
CA TYR F 127 -9.14 15.14 18.73
C TYR F 127 -10.25 15.32 19.78
N ASN F 128 -10.53 14.30 20.58
CA ASN F 128 -11.59 14.39 21.58
C ASN F 128 -11.38 13.32 22.63
N ASP F 129 -11.64 13.68 23.89
CA ASP F 129 -11.43 12.78 25.04
C ASP F 129 -12.18 11.45 24.88
N ASP F 130 -13.37 11.53 24.29
CA ASP F 130 -14.26 10.40 24.10
C ASP F 130 -13.73 9.40 23.06
N LYS F 131 -13.01 9.91 22.06
CA LYS F 131 -12.61 9.08 20.93
C LYS F 131 -11.28 8.31 21.12
N ILE F 132 -10.56 8.59 22.22
CA ILE F 132 -9.28 7.93 22.50
C ILE F 132 -9.39 6.91 23.62
N LYS F 133 -9.27 5.62 23.29
CA LYS F 133 -9.22 4.54 24.29
C LYS F 133 -7.81 3.97 24.44
N ILE F 134 -7.55 3.37 25.61
CA ILE F 134 -6.25 2.81 25.95
C ILE F 134 -6.33 1.41 26.55
N GLY F 135 -5.17 0.77 26.70
CA GLY F 135 -5.03 -0.47 27.45
C GLY F 135 -4.39 -0.23 28.81
N LYS F 136 -3.80 -1.30 29.36
CA LYS F 136 -3.12 -1.25 30.65
C LYS F 136 -1.62 -1.43 30.48
N PHE F 137 -0.92 -0.32 30.39
CA PHE F 137 0.51 -0.29 30.24
C PHE F 137 1.15 -1.28 31.22
N GLY F 138 1.92 -2.24 30.70
CA GLY F 138 2.68 -3.17 31.54
C GLY F 138 1.93 -4.41 32.02
N ASN F 139 0.71 -4.63 31.52
CA ASN F 139 -0.06 -5.80 31.90
C ASN F 139 -0.32 -6.64 30.68
N TYR F 140 -0.64 -7.91 30.91
CA TYR F 140 -1.09 -8.78 29.83
C TYR F 140 -2.45 -8.26 29.35
N MET F 141 -2.61 -8.20 28.05
CA MET F 141 -3.86 -7.81 27.41
C MET F 141 -4.27 -8.83 26.34
N ASN F 142 -5.53 -9.19 26.35
CA ASN F 142 -6.16 -9.94 25.30
C ASN F 142 -6.99 -8.96 24.49
N ILE F 143 -6.76 -8.90 23.18
CA ILE F 143 -7.45 -7.92 22.32
C ILE F 143 -8.19 -8.58 21.16
N ASP F 144 -9.52 -8.57 21.23
CA ASP F 144 -10.37 -9.06 20.13
C ASP F 144 -10.52 -7.97 19.10
N VAL F 145 -9.82 -8.12 17.96
CA VAL F 145 -9.78 -7.11 16.91
C VAL F 145 -10.46 -7.62 15.65
N THR F 146 -11.21 -6.75 14.97
CA THR F 146 -11.78 -7.08 13.67
C THR F 146 -11.12 -6.23 12.60
N ASN F 147 -10.09 -6.81 11.97
CA ASN F 147 -9.31 -6.08 10.98
C ASN F 147 -10.13 -5.90 9.72
N ASP F 148 -10.16 -4.65 9.25
CA ASP F 148 -11.01 -4.22 8.15
C ASP F 148 -10.14 -3.97 6.92
N GLY F 149 -10.10 -4.97 6.03
CA GLY F 149 -9.31 -4.87 4.78
C GLY F 149 -8.46 -6.11 4.49
N PRO F 150 -7.42 -6.35 5.28
CA PRO F 150 -6.96 -5.45 6.34
C PRO F 150 -6.13 -4.29 5.79
N VAL F 151 -5.88 -3.31 6.65
CA VAL F 151 -5.03 -2.17 6.32
C VAL F 151 -4.03 -1.93 7.46
N THR F 152 -2.74 -2.02 7.13
CA THR F 152 -1.64 -1.98 8.08
C THR F 152 -0.55 -0.99 7.64
N ILE F 153 -0.27 -0.01 8.48
CA ILE F 153 0.70 1.02 8.17
C ILE F 153 1.76 0.96 9.22
N TYR F 154 3.01 1.16 8.81
CA TYR F 154 4.10 1.17 9.74
C TYR F 154 4.87 2.44 9.53
N ILE F 155 5.25 3.08 10.63
CA ILE F 155 6.04 4.32 10.59
C ILE F 155 7.17 4.18 11.60
N ASP F 156 8.37 4.64 11.24
CA ASP F 156 9.45 4.74 12.18
C ASP F 156 9.97 6.13 12.01
N THR F 157 9.92 6.92 13.08
CA THR F 157 10.35 8.34 13.03
C THR F 157 11.85 8.53 12.77
N HIS F 158 12.67 7.55 13.13
CA HIS F 158 14.09 7.57 12.77
C HIS F 158 14.36 7.48 11.26
N ASP F 159 13.36 7.11 10.46
CA ASP F 159 13.47 7.12 8.99
C ASP F 159 13.04 8.45 8.35
N ILE F 160 12.65 9.42 9.17
CA ILE F 160 12.12 10.70 8.69
C ILE F 160 12.96 11.86 9.23
N MET G 1 37.83 -11.76 -0.33
CA MET G 1 38.74 -12.84 -0.82
C MET G 1 38.23 -14.17 -0.28
N ARG G 2 38.09 -15.15 -1.16
CA ARG G 2 37.66 -16.49 -0.78
C ARG G 2 38.60 -17.51 -1.38
N VAL G 3 39.08 -18.43 -0.57
CA VAL G 3 39.93 -19.50 -1.06
C VAL G 3 39.45 -20.85 -0.52
N VAL G 4 39.54 -21.88 -1.37
CA VAL G 4 39.43 -23.24 -0.94
C VAL G 4 40.84 -23.81 -1.07
N ILE G 5 41.42 -24.19 0.07
CA ILE G 5 42.75 -24.80 0.09
C ILE G 5 42.56 -26.29 0.29
N GLN G 6 43.17 -27.08 -0.59
CA GLN G 6 43.09 -28.54 -0.54
C GLN G 6 44.51 -29.08 -0.47
N ARG G 7 44.73 -30.04 0.42
CA ARG G 7 46.04 -30.61 0.61
C ARG G 7 46.21 -31.75 -0.38
N VAL G 8 47.32 -31.78 -1.13
CA VAL G 8 47.50 -32.76 -2.19
C VAL G 8 48.86 -33.42 -2.17
N LYS G 9 48.93 -34.59 -2.80
CA LYS G 9 50.20 -35.27 -3.11
C LYS G 9 50.74 -34.78 -4.46
N GLY G 10 49.85 -34.26 -5.29
CA GLY G 10 50.26 -33.56 -6.49
C GLY G 10 49.07 -32.99 -7.24
N ALA G 11 49.37 -32.20 -8.26
CA ALA G 11 48.36 -31.62 -9.12
C ALA G 11 48.95 -31.38 -10.49
N ILE G 12 48.21 -31.77 -11.53
CA ILE G 12 48.62 -31.52 -12.91
C ILE G 12 47.58 -30.67 -13.64
N LEU G 13 47.97 -29.44 -14.00
CA LEU G 13 47.07 -28.48 -14.64
C LEU G 13 47.28 -28.41 -16.15
N SER G 14 46.18 -28.50 -16.90
CA SER G 14 46.24 -28.58 -18.35
C SER G 14 45.27 -27.62 -19.04
N VAL G 15 45.62 -27.19 -20.25
CA VAL G 15 44.80 -26.26 -21.05
C VAL G 15 44.70 -26.71 -22.50
N ARG G 16 43.90 -25.99 -23.28
CA ARG G 16 43.68 -26.30 -24.71
C ARG G 16 44.84 -25.80 -25.57
N GLU G 26 44.99 -31.95 -28.30
CA GLU G 26 43.76 -31.46 -27.69
C GLU G 26 44.05 -30.66 -26.40
N LEU G 27 44.65 -31.32 -25.41
CA LEU G 27 45.04 -30.69 -24.14
C LEU G 27 46.53 -30.86 -23.87
N GLU G 28 47.15 -29.83 -23.31
CA GLU G 28 48.59 -29.81 -23.00
C GLU G 28 48.82 -29.47 -21.53
N ILE G 29 49.85 -30.08 -20.94
CA ILE G 29 50.19 -29.84 -19.55
C ILE G 29 51.01 -28.57 -19.46
N ILE G 30 50.57 -27.63 -18.63
CA ILE G 30 51.30 -26.38 -18.46
C ILE G 30 51.75 -26.12 -17.03
N SER G 31 51.39 -26.99 -16.11
CA SER G 31 51.63 -26.76 -14.69
C SER G 31 51.57 -28.03 -13.89
N GLU G 32 52.52 -28.16 -12.96
CA GLU G 32 52.60 -29.37 -12.16
C GLU G 32 53.25 -29.08 -10.81
N ILE G 33 52.64 -29.57 -9.74
CA ILE G 33 53.27 -29.61 -8.44
C ILE G 33 53.19 -31.02 -7.91
N LYS G 34 54.04 -31.31 -6.93
CA LYS G 34 53.93 -32.52 -6.13
C LYS G 34 53.26 -32.14 -4.79
N ASN G 35 53.75 -32.67 -3.67
CA ASN G 35 53.09 -32.46 -2.39
C ASN G 35 52.94 -30.97 -2.14
N GLY G 36 51.78 -30.58 -1.65
CA GLY G 36 51.52 -29.18 -1.41
C GLY G 36 50.05 -28.85 -1.27
N LEU G 37 49.73 -27.59 -1.59
CA LEU G 37 48.39 -27.06 -1.55
C LEU G 37 47.97 -26.62 -2.94
N ILE G 38 46.73 -26.92 -3.28
CA ILE G 38 46.08 -26.23 -4.39
C ILE G 38 45.12 -25.22 -3.77
N CYS G 39 45.27 -23.94 -4.14
CA CYS G 39 44.40 -22.89 -3.63
C CYS G 39 43.56 -22.32 -4.76
N PHE G 40 42.25 -22.57 -4.70
CA PHE G 40 41.32 -22.00 -5.66
C PHE G 40 40.90 -20.66 -5.10
N LEU G 41 41.17 -19.60 -5.85
CA LEU G 41 41.18 -18.25 -5.31
C LEU G 41 40.12 -17.38 -6.00
N GLY G 42 39.25 -16.78 -5.21
CA GLY G 42 38.20 -15.90 -5.73
C GLY G 42 38.37 -14.47 -5.26
N ILE G 43 38.37 -13.54 -6.20
CA ILE G 43 38.55 -12.14 -5.91
C ILE G 43 37.21 -11.41 -5.94
N HIS G 44 36.89 -10.79 -4.82
CA HIS G 44 35.68 -9.98 -4.65
C HIS G 44 35.96 -8.56 -5.15
N LYS G 45 34.96 -7.95 -5.78
CA LYS G 45 35.13 -6.62 -6.39
C LYS G 45 35.68 -5.57 -5.42
N ASN G 46 35.25 -5.62 -4.16
CA ASN G 46 35.77 -4.71 -3.13
C ASN G 46 37.06 -5.15 -2.41
N ASP G 47 37.75 -6.18 -2.90
CA ASP G 47 38.96 -6.64 -2.21
C ASP G 47 40.05 -5.58 -2.16
N THR G 48 40.54 -5.32 -0.95
CA THR G 48 41.72 -4.49 -0.74
C THR G 48 42.94 -5.39 -0.85
N TRP G 49 44.11 -4.78 -1.01
CA TRP G 49 45.37 -5.51 -0.93
C TRP G 49 45.53 -6.13 0.46
N GLU G 50 44.91 -5.52 1.48
CA GLU G 50 44.91 -6.06 2.83
C GLU G 50 44.29 -7.46 2.88
N ASP G 51 43.21 -7.65 2.13
CA ASP G 51 42.55 -8.94 2.04
C ASP G 51 43.50 -9.98 1.42
N ALA G 52 44.24 -9.57 0.40
CA ALA G 52 45.17 -10.49 -0.28
C ALA G 52 46.34 -10.95 0.60
N LEU G 53 46.87 -10.04 1.42
CA LEU G 53 47.97 -10.37 2.31
C LEU G 53 47.57 -11.50 3.26
N TYR G 54 46.47 -11.29 3.97
CA TYR G 54 45.92 -12.31 4.87
C TYR G 54 45.93 -13.70 4.21
N ILE G 55 45.28 -13.82 3.05
CA ILE G 55 45.17 -15.10 2.34
C ILE G 55 46.53 -15.70 2.08
N ILE G 56 47.44 -14.88 1.55
CA ILE G 56 48.77 -15.34 1.28
C ILE G 56 49.38 -15.83 2.57
N ARG G 57 49.27 -15.02 3.62
CA ARG G 57 49.87 -15.36 4.90
C ARG G 57 49.39 -16.75 5.32
N LYS G 58 48.07 -16.93 5.33
CA LYS G 58 47.45 -18.18 5.75
C LYS G 58 47.80 -19.36 4.84
N CYS G 59 47.80 -19.14 3.53
CA CYS G 59 48.15 -20.22 2.62
C CYS G 59 49.54 -20.75 2.91
N LEU G 60 50.45 -19.85 3.29
CA LEU G 60 51.85 -20.24 3.47
C LEU G 60 52.16 -20.75 4.88
N ASN G 61 51.40 -20.32 5.88
CA ASN G 61 51.69 -20.62 7.28
C ASN G 61 50.69 -21.57 7.96
N LEU G 62 49.59 -21.91 7.30
CA LEU G 62 48.66 -22.87 7.88
C LEU G 62 49.34 -24.22 8.08
N ARG G 63 49.23 -24.73 9.30
CA ARG G 63 49.89 -25.96 9.71
C ARG G 63 48.98 -27.16 9.41
N LEU G 64 49.10 -27.71 8.20
CA LEU G 64 48.18 -28.72 7.69
C LEU G 64 48.81 -30.12 7.53
N TRP G 65 50.01 -30.28 8.04
CA TRP G 65 50.66 -31.58 7.99
C TRP G 65 51.10 -31.88 9.42
N ASN G 66 51.25 -33.16 9.73
CA ASN G 66 51.76 -33.53 11.04
C ASN G 66 53.27 -33.40 11.10
N ASN G 67 53.81 -33.16 12.29
CA ASN G 67 55.19 -33.51 12.58
C ASN G 67 55.12 -34.94 13.10
N ASP G 68 56.23 -35.68 13.13
CA ASP G 68 56.14 -37.06 13.63
C ASP G 68 55.68 -37.12 15.11
N ASN G 69 55.61 -35.94 15.72
CA ASN G 69 55.35 -35.68 17.12
C ASN G 69 53.90 -35.27 17.43
N LYS G 70 53.33 -34.45 16.55
CA LYS G 70 52.07 -33.76 16.79
C LYS G 70 51.27 -33.61 15.50
N THR G 71 49.97 -33.42 15.64
CA THR G 71 49.08 -33.14 14.54
C THR G 71 49.08 -31.66 14.23
N TRP G 72 48.77 -31.31 12.98
CA TRP G 72 48.50 -29.93 12.60
C TRP G 72 49.61 -29.00 13.07
N ASP G 73 50.82 -29.27 12.61
CA ASP G 73 52.03 -28.64 13.16
C ASP G 73 52.94 -27.99 12.11
N LYS G 74 52.98 -28.54 10.89
CA LYS G 74 53.86 -28.04 9.84
C LYS G 74 53.09 -27.43 8.66
N ASN G 75 53.68 -26.40 8.05
CA ASN G 75 53.11 -25.72 6.89
C ASN G 75 53.88 -26.04 5.62
N VAL G 76 53.45 -25.45 4.52
CA VAL G 76 53.96 -25.78 3.19
C VAL G 76 55.44 -25.44 3.07
N LYS G 77 55.83 -24.34 3.70
CA LYS G 77 57.20 -23.86 3.71
C LYS G 77 58.06 -24.84 4.51
N ASP G 78 57.74 -25.02 5.79
CA ASP G 78 58.48 -25.95 6.67
C ASP G 78 58.91 -27.23 5.91
N LEU G 79 58.03 -27.77 5.07
CA LEU G 79 58.30 -29.04 4.39
C LEU G 79 58.83 -28.84 2.98
N ASN G 80 59.16 -27.58 2.67
CA ASN G 80 59.60 -27.17 1.36
C ASN G 80 58.70 -27.69 0.23
N TYR G 81 57.40 -27.57 0.43
CA TYR G 81 56.40 -28.05 -0.53
C TYR G 81 55.93 -26.90 -1.44
N GLU G 82 55.04 -27.23 -2.38
CA GLU G 82 54.66 -26.31 -3.46
C GLU G 82 53.23 -25.79 -3.30
N LEU G 83 52.85 -24.82 -4.12
CA LEU G 83 51.50 -24.31 -4.17
C LEU G 83 51.07 -24.05 -5.60
N LEU G 84 49.95 -24.64 -6.01
CA LEU G 84 49.34 -24.35 -7.30
C LEU G 84 48.16 -23.43 -7.05
N ILE G 85 48.27 -22.20 -7.52
CA ILE G 85 47.25 -21.18 -7.30
C ILE G 85 46.37 -21.12 -8.53
N VAL G 86 45.06 -21.00 -8.32
CA VAL G 86 44.11 -21.11 -9.42
C VAL G 86 42.98 -20.11 -9.20
N SER G 87 42.75 -19.28 -10.22
CA SER G 87 41.67 -18.30 -10.22
C SER G 87 40.31 -19.00 -10.21
N GLN G 88 39.44 -18.62 -9.28
CA GLN G 88 38.07 -19.15 -9.26
C GLN G 88 37.03 -18.10 -8.91
N PHE G 89 36.43 -17.49 -9.93
CA PHE G 89 35.29 -16.57 -9.73
C PHE G 89 34.05 -17.30 -9.22
N THR G 90 33.96 -18.60 -9.49
CA THR G 90 32.77 -19.36 -9.11
C THR G 90 32.52 -19.44 -7.60
N LEU G 91 33.54 -19.12 -6.80
CA LEU G 91 33.38 -19.04 -5.36
C LEU G 91 32.39 -17.97 -4.95
N PHE G 92 32.18 -16.95 -5.80
CA PHE G 92 31.16 -15.92 -5.52
C PHE G 92 29.86 -16.23 -6.22
N GLY G 93 29.71 -17.49 -6.62
CA GLY G 93 28.47 -17.96 -7.20
C GLY G 93 27.39 -17.98 -6.16
N ASN G 94 26.52 -16.97 -6.19
CA ASN G 94 25.39 -16.91 -5.27
C ASN G 94 24.38 -17.99 -5.60
N THR G 95 24.12 -18.86 -4.65
CA THR G 95 23.23 -20.00 -4.83
C THR G 95 21.96 -19.91 -3.98
N LYS G 96 21.78 -18.79 -3.28
CA LYS G 96 20.63 -18.61 -2.37
C LYS G 96 19.35 -18.34 -3.18
N LYS G 97 19.46 -17.39 -4.12
CA LYS G 97 18.34 -16.90 -4.92
C LYS G 97 17.59 -17.98 -5.72
N GLY G 98 18.31 -19.02 -6.13
CA GLY G 98 17.74 -20.08 -6.94
C GLY G 98 18.80 -21.09 -7.32
N ASN G 99 18.54 -21.83 -8.40
CA ASN G 99 19.44 -22.89 -8.87
C ASN G 99 20.37 -22.48 -10.02
N LYS G 100 20.19 -21.27 -10.55
CA LYS G 100 21.12 -20.73 -11.55
C LYS G 100 22.11 -19.81 -10.84
N PRO G 101 23.38 -20.25 -10.70
CA PRO G 101 24.31 -19.38 -9.96
C PRO G 101 24.51 -18.06 -10.68
N ASP G 102 24.66 -16.98 -9.92
CA ASP G 102 25.04 -15.70 -10.52
C ASP G 102 26.25 -15.18 -9.75
N PHE G 103 27.09 -14.41 -10.45
CA PHE G 103 28.44 -14.10 -9.97
C PHE G 103 28.74 -12.62 -9.81
N HIS G 104 27.73 -11.83 -9.47
CA HIS G 104 27.85 -10.36 -9.50
C HIS G 104 28.82 -9.78 -8.49
N LEU G 105 29.17 -10.55 -7.46
CA LEU G 105 30.18 -10.12 -6.49
C LEU G 105 31.59 -10.27 -7.04
N ALA G 106 31.76 -11.16 -8.01
CA ALA G 106 33.12 -11.43 -8.50
C ALA G 106 33.69 -10.14 -9.14
N LYS G 107 34.92 -9.80 -8.81
CA LYS G 107 35.61 -8.70 -9.49
C LYS G 107 35.68 -9.02 -10.99
N GLU G 108 35.42 -8.00 -11.81
CA GLU G 108 35.38 -8.13 -13.26
C GLU G 108 36.75 -8.64 -13.77
N PRO G 109 36.77 -9.52 -14.80
CA PRO G 109 38.01 -10.21 -15.19
C PRO G 109 39.25 -9.35 -15.43
N ASN G 110 39.09 -8.21 -16.08
CA ASN G 110 40.23 -7.33 -16.36
C ASN G 110 40.90 -6.83 -15.09
N GLU G 111 40.08 -6.33 -14.17
CA GLU G 111 40.56 -5.84 -12.89
C GLU G 111 41.10 -7.05 -12.13
N ALA G 112 40.37 -8.17 -12.20
CA ALA G 112 40.69 -9.40 -11.46
C ALA G 112 42.06 -9.98 -11.81
N LEU G 113 42.39 -10.01 -13.11
CA LEU G 113 43.67 -10.55 -13.59
C LEU G 113 44.89 -9.76 -13.10
N ILE G 114 44.78 -8.45 -13.11
CA ILE G 114 45.90 -7.60 -12.66
C ILE G 114 46.15 -7.81 -11.17
N PHE G 115 45.06 -7.82 -10.38
CA PHE G 115 45.11 -8.14 -8.95
C PHE G 115 45.70 -9.54 -8.75
N TYR G 116 45.16 -10.53 -9.48
CA TYR G 116 45.65 -11.91 -9.40
C TYR G 116 47.16 -12.01 -9.59
N ASN G 117 47.68 -11.29 -10.58
CA ASN G 117 49.14 -11.27 -10.82
C ASN G 117 49.94 -10.59 -9.71
N LYS G 118 49.37 -9.59 -9.06
CA LYS G 118 50.01 -9.01 -7.88
C LYS G 118 50.09 -10.07 -6.80
N ILE G 119 48.98 -10.77 -6.59
CA ILE G 119 48.90 -11.79 -5.56
C ILE G 119 49.97 -12.85 -5.78
N ILE G 120 50.07 -13.36 -7.01
CA ILE G 120 51.11 -14.34 -7.36
C ILE G 120 52.49 -13.76 -7.06
N ASP G 121 52.73 -12.54 -7.54
CA ASP G 121 54.01 -11.88 -7.31
C ASP G 121 54.39 -11.98 -5.85
N GLU G 122 53.50 -11.52 -4.97
CA GLU G 122 53.78 -11.50 -3.55
C GLU G 122 53.99 -12.92 -2.98
N PHE G 123 53.25 -13.90 -3.49
CA PHE G 123 53.46 -15.30 -3.08
C PHE G 123 54.94 -15.67 -3.23
N LYS G 124 55.50 -15.31 -4.38
CA LYS G 124 56.87 -15.67 -4.73
C LYS G 124 57.90 -14.95 -3.86
N LYS G 125 57.62 -13.69 -3.53
CA LYS G 125 58.44 -12.92 -2.60
C LYS G 125 58.45 -13.51 -1.20
N GLN G 126 57.28 -13.82 -0.66
CA GLN G 126 57.17 -14.37 0.69
C GLN G 126 57.71 -15.79 0.81
N TYR G 127 57.79 -16.51 -0.30
CA TYR G 127 58.25 -17.89 -0.29
C TYR G 127 59.43 -18.06 -1.26
N ASN G 128 59.17 -18.54 -2.46
CA ASN G 128 60.21 -18.74 -3.45
C ASN G 128 59.54 -18.86 -4.81
N ASP G 129 60.12 -18.24 -5.84
CA ASP G 129 59.47 -18.20 -7.15
C ASP G 129 59.35 -19.58 -7.83
N ASP G 130 60.24 -20.50 -7.52
CA ASP G 130 60.15 -21.86 -8.03
C ASP G 130 59.06 -22.67 -7.31
N LYS G 131 58.61 -22.20 -6.15
CA LYS G 131 57.63 -22.93 -5.36
C LYS G 131 56.16 -22.62 -5.67
N ILE G 132 55.90 -21.52 -6.37
CA ILE G 132 54.53 -21.13 -6.71
C ILE G 132 54.27 -21.36 -8.19
N LYS G 133 53.27 -22.19 -8.46
CA LYS G 133 52.75 -22.46 -9.81
C LYS G 133 51.35 -21.90 -9.96
N ILE G 134 50.96 -21.67 -11.22
CA ILE G 134 49.69 -21.04 -11.56
C ILE G 134 49.01 -21.75 -12.71
N GLY G 135 47.72 -21.44 -12.90
CA GLY G 135 46.97 -21.89 -14.06
C GLY G 135 47.04 -20.88 -15.19
N LYS G 136 45.99 -20.85 -16.01
CA LYS G 136 45.89 -19.91 -17.10
C LYS G 136 44.62 -19.09 -16.94
N PHE G 137 44.75 -17.95 -16.27
CA PHE G 137 43.61 -17.09 -15.93
C PHE G 137 42.72 -16.83 -17.14
N GLY G 138 41.42 -17.04 -16.97
CA GLY G 138 40.47 -16.73 -18.03
C GLY G 138 40.08 -17.94 -18.85
N ASN G 139 40.81 -19.04 -18.72
CA ASN G 139 40.67 -20.19 -19.63
C ASN G 139 40.23 -21.49 -19.00
N TYR G 140 39.55 -22.32 -19.78
CA TYR G 140 39.17 -23.65 -19.32
C TYR G 140 40.43 -24.42 -18.96
N MET G 141 40.46 -24.96 -17.76
CA MET G 141 41.57 -25.80 -17.32
C MET G 141 41.08 -27.16 -16.91
N ASN G 142 41.99 -28.11 -16.97
CA ASN G 142 41.75 -29.47 -16.52
C ASN G 142 42.81 -29.72 -15.45
N ILE G 143 42.39 -30.18 -14.29
CA ILE G 143 43.28 -30.30 -13.14
C ILE G 143 43.15 -31.65 -12.48
N ASP G 144 44.11 -32.54 -12.78
CA ASP G 144 44.25 -33.83 -12.11
C ASP G 144 44.82 -33.61 -10.73
N VAL G 145 44.02 -33.89 -9.70
CA VAL G 145 44.47 -33.72 -8.32
C VAL G 145 44.42 -35.03 -7.56
N THR G 146 45.48 -35.31 -6.80
CA THR G 146 45.52 -36.39 -5.81
C THR G 146 45.32 -35.76 -4.42
N ASN G 147 44.07 -35.72 -3.96
CA ASN G 147 43.74 -35.14 -2.67
C ASN G 147 44.22 -36.05 -1.53
N ASP G 148 44.88 -35.45 -0.55
CA ASP G 148 45.58 -36.18 0.49
C ASP G 148 44.86 -36.11 1.83
N GLY G 149 43.99 -37.08 2.11
CA GLY G 149 43.17 -37.06 3.35
C GLY G 149 41.68 -37.37 3.18
N PRO G 150 40.90 -36.44 2.62
CA PRO G 150 41.38 -35.13 2.16
C PRO G 150 41.38 -34.09 3.26
N VAL G 151 42.00 -32.95 2.97
CA VAL G 151 42.02 -31.84 3.90
C VAL G 151 41.63 -30.58 3.16
N THR G 152 40.41 -30.13 3.41
CA THR G 152 39.86 -28.97 2.73
C THR G 152 39.57 -27.85 3.71
N ILE G 153 40.20 -26.72 3.47
CA ILE G 153 40.09 -25.54 4.30
C ILE G 153 39.41 -24.43 3.48
N TYR G 154 38.49 -23.69 4.12
CA TYR G 154 37.86 -22.54 3.51
C TYR G 154 38.16 -21.28 4.29
N ILE G 155 38.36 -20.17 3.59
CA ILE G 155 38.56 -18.87 4.22
C ILE G 155 37.85 -17.78 3.42
N ASP G 156 37.15 -16.91 4.12
CA ASP G 156 36.60 -15.71 3.54
C ASP G 156 37.10 -14.52 4.39
N THR G 157 37.87 -13.64 3.76
CA THR G 157 38.45 -12.48 4.44
C THR G 157 37.43 -11.41 4.82
N HIS G 158 36.24 -11.46 4.23
CA HIS G 158 35.17 -10.54 4.61
C HIS G 158 34.51 -10.94 5.95
N ASP G 159 34.99 -12.02 6.57
CA ASP G 159 34.53 -12.42 7.90
C ASP G 159 35.47 -11.94 9.02
N ILE G 160 36.75 -11.75 8.71
CA ILE G 160 37.74 -11.35 9.71
C ILE G 160 37.84 -9.81 9.85
N ASN G 161 38.41 -9.34 10.96
CA ASN G 161 38.57 -7.91 11.26
C ASN G 161 39.29 -7.08 10.21
N MET H 1 25.98 -25.96 8.41
CA MET H 1 26.51 -27.02 7.51
C MET H 1 27.28 -26.40 6.35
N ARG H 2 28.34 -27.09 5.90
CA ARG H 2 29.24 -26.57 4.87
C ARG H 2 29.61 -27.62 3.83
N VAL H 3 29.54 -27.23 2.56
CA VAL H 3 29.89 -28.11 1.45
C VAL H 3 30.73 -27.35 0.42
N VAL H 4 31.67 -28.07 -0.16
CA VAL H 4 32.48 -27.56 -1.26
C VAL H 4 32.21 -28.52 -2.38
N ILE H 5 31.66 -27.99 -3.47
CA ILE H 5 31.18 -28.78 -4.58
C ILE H 5 32.17 -28.54 -5.71
N GLN H 6 32.60 -29.60 -6.37
CA GLN H 6 33.55 -29.43 -7.44
C GLN H 6 33.11 -30.26 -8.61
N ARG H 7 33.08 -29.62 -9.78
CA ARG H 7 32.64 -30.29 -10.99
C ARG H 7 33.82 -31.06 -11.54
N VAL H 8 33.60 -32.35 -11.82
CA VAL H 8 34.65 -33.30 -12.19
C VAL H 8 34.33 -34.12 -13.44
N LYS H 9 35.38 -34.57 -14.12
CA LYS H 9 35.27 -35.56 -15.19
C LYS H 9 35.19 -36.95 -14.58
N GLY H 10 35.93 -37.15 -13.50
CA GLY H 10 35.92 -38.42 -12.77
C GLY H 10 36.63 -38.28 -11.43
N ALA H 11 36.40 -39.25 -10.56
CA ALA H 11 37.07 -39.27 -9.26
C ALA H 11 37.21 -40.70 -8.75
N ILE H 12 38.44 -41.08 -8.40
CA ILE H 12 38.78 -42.40 -7.87
C ILE H 12 39.12 -42.24 -6.38
N LEU H 13 38.39 -42.95 -5.52
CA LEU H 13 38.61 -42.82 -4.09
C LEU H 13 39.15 -44.13 -3.51
N SER H 14 40.27 -44.01 -2.80
CA SER H 14 40.96 -45.18 -2.25
C SER H 14 41.26 -45.03 -0.76
N VAL H 15 41.29 -46.18 -0.07
CA VAL H 15 41.65 -46.27 1.34
C VAL H 15 42.67 -47.41 1.56
N ARG H 16 43.19 -47.51 2.77
CA ARG H 16 44.09 -48.59 3.19
C ARG H 16 43.35 -49.94 3.21
N LYS H 17 44.07 -51.01 2.91
CA LYS H 17 43.55 -52.37 3.18
C LYS H 17 44.38 -53.04 4.27
N LEU H 27 46.90 -49.47 -0.54
CA LEU H 27 45.69 -48.72 -0.88
C LEU H 27 44.84 -49.42 -1.93
N GLU H 28 43.53 -49.46 -1.71
CA GLU H 28 42.59 -50.07 -2.64
C GLU H 28 41.45 -49.12 -2.99
N ILE H 29 40.92 -49.25 -4.20
CA ILE H 29 39.83 -48.42 -4.65
C ILE H 29 38.58 -48.98 -4.05
N ILE H 30 37.73 -48.11 -3.50
CA ILE H 30 36.45 -48.55 -2.97
C ILE H 30 35.24 -47.94 -3.68
N SER H 31 35.34 -46.66 -4.08
CA SER H 31 34.27 -46.02 -4.85
C SER H 31 34.86 -45.15 -5.95
N GLU H 32 34.07 -44.96 -7.00
CA GLU H 32 34.51 -44.18 -8.15
C GLU H 32 33.31 -43.59 -8.87
N ILE H 33 33.51 -42.41 -9.47
CA ILE H 33 32.52 -41.84 -10.39
C ILE H 33 33.14 -41.37 -11.70
N LYS H 34 32.25 -41.25 -12.68
CA LYS H 34 32.52 -40.63 -13.96
C LYS H 34 32.14 -39.14 -13.80
N ASN H 35 31.48 -38.56 -14.82
CA ASN H 35 31.12 -37.16 -14.78
C ASN H 35 30.19 -36.87 -13.60
N GLY H 36 30.37 -35.70 -13.00
CA GLY H 36 29.48 -35.29 -11.94
C GLY H 36 30.13 -34.37 -10.95
N LEU H 37 29.82 -34.60 -9.67
CA LEU H 37 30.26 -33.75 -8.58
C LEU H 37 30.99 -34.54 -7.51
N ILE H 38 32.00 -33.91 -6.93
CA ILE H 38 32.53 -34.39 -5.68
C ILE H 38 32.12 -33.36 -4.65
N CYS H 39 31.37 -33.80 -3.65
CA CYS H 39 30.91 -32.90 -2.58
C CYS H 39 31.61 -33.20 -1.26
N PHE H 40 32.39 -32.24 -0.78
CA PHE H 40 33.04 -32.34 0.52
C PHE H 40 32.13 -31.76 1.58
N LEU H 41 31.61 -32.63 2.45
CA LEU H 41 30.51 -32.32 3.34
C LEU H 41 30.94 -32.25 4.81
N GLY H 42 30.89 -31.04 5.37
CA GLY H 42 31.16 -30.80 6.78
C GLY H 42 29.86 -30.60 7.57
N ILE H 43 29.80 -31.21 8.75
CA ILE H 43 28.59 -31.14 9.58
C ILE H 43 28.89 -30.39 10.87
N HIS H 44 28.20 -29.27 11.06
CA HIS H 44 28.38 -28.41 12.23
C HIS H 44 27.74 -29.04 13.46
N LYS H 45 28.30 -28.75 14.63
CA LYS H 45 27.80 -29.33 15.87
C LYS H 45 26.30 -29.10 16.02
N ASN H 46 25.83 -27.89 15.69
CA ASN H 46 24.42 -27.53 15.82
C ASN H 46 23.60 -27.66 14.53
N ASP H 47 23.99 -28.55 13.63
CA ASP H 47 23.26 -28.69 12.37
C ASP H 47 21.91 -29.37 12.51
N THR H 48 20.88 -28.78 11.92
CA THR H 48 19.53 -29.38 11.89
C THR H 48 19.30 -30.16 10.60
N TRP H 49 18.20 -30.91 10.59
CA TRP H 49 17.81 -31.62 9.38
C TRP H 49 17.38 -30.62 8.30
N GLU H 50 16.95 -29.42 8.70
CA GLU H 50 16.73 -28.32 7.74
C GLU H 50 18.04 -27.96 7.02
N ASP H 51 19.09 -27.70 7.79
CA ASP H 51 20.43 -27.40 7.27
C ASP H 51 20.85 -28.42 6.20
N ALA H 52 20.74 -29.70 6.53
CA ALA H 52 21.08 -30.80 5.61
C ALA H 52 20.19 -30.90 4.38
N LEU H 53 18.91 -30.55 4.53
CA LEU H 53 17.99 -30.65 3.40
C LEU H 53 18.30 -29.60 2.35
N TYR H 54 18.72 -28.43 2.80
CA TYR H 54 19.14 -27.34 1.94
C TYR H 54 20.32 -27.79 1.06
N ILE H 55 21.33 -28.36 1.72
CA ILE H 55 22.55 -28.81 1.05
C ILE H 55 22.20 -29.78 -0.07
N ILE H 56 21.42 -30.81 0.29
CA ILE H 56 21.10 -31.88 -0.63
C ILE H 56 20.40 -31.37 -1.87
N ARG H 57 19.47 -30.41 -1.72
CA ARG H 57 18.74 -29.92 -2.88
C ARG H 57 19.61 -28.98 -3.71
N LYS H 58 20.58 -28.34 -3.07
CA LYS H 58 21.56 -27.55 -3.81
C LYS H 58 22.48 -28.44 -4.65
N CYS H 59 23.05 -29.49 -4.05
CA CYS H 59 23.94 -30.39 -4.82
C CYS H 59 23.21 -31.02 -6.01
N LEU H 60 21.96 -31.42 -5.81
CA LEU H 60 21.20 -32.09 -6.87
C LEU H 60 20.66 -31.15 -7.94
N ASN H 61 20.28 -29.93 -7.56
CA ASN H 61 19.58 -29.05 -8.48
C ASN H 61 20.36 -27.82 -8.96
N LEU H 62 21.59 -27.62 -8.48
CA LEU H 62 22.39 -26.49 -8.99
C LEU H 62 22.79 -26.69 -10.45
N ARG H 63 22.61 -25.63 -11.23
CA ARG H 63 22.84 -25.71 -12.67
C ARG H 63 24.27 -25.34 -12.97
N LEU H 64 25.13 -26.36 -12.98
CA LEU H 64 26.57 -26.19 -13.05
C LEU H 64 27.19 -26.68 -14.36
N TRP H 65 26.38 -27.24 -15.26
CA TRP H 65 26.80 -27.49 -16.64
C TRP H 65 26.02 -26.61 -17.64
N ASN H 66 26.52 -26.57 -18.87
CA ASN H 66 25.87 -25.84 -19.98
C ASN H 66 24.87 -26.69 -20.73
N ASN H 67 23.82 -26.04 -21.22
CA ASN H 67 23.04 -26.58 -22.32
C ASN H 67 23.76 -26.27 -23.61
N ASP H 68 23.31 -26.85 -24.71
CA ASP H 68 23.93 -26.54 -26.00
C ASP H 68 23.79 -25.05 -26.40
N ASN H 69 22.75 -24.39 -25.90
CA ASN H 69 22.49 -23.00 -26.29
C ASN H 69 22.66 -22.00 -25.17
N LYS H 70 23.20 -22.44 -24.03
CA LYS H 70 23.08 -21.65 -22.80
C LYS H 70 24.00 -22.13 -21.66
N THR H 71 24.69 -21.19 -21.02
CA THR H 71 25.55 -21.54 -19.89
C THR H 71 24.71 -21.71 -18.61
N TRP H 72 25.25 -22.51 -17.68
CA TRP H 72 24.73 -22.61 -16.31
C TRP H 72 23.27 -23.01 -16.28
N ASP H 73 22.94 -24.06 -17.01
CA ASP H 73 21.55 -24.40 -17.31
C ASP H 73 21.18 -25.88 -17.13
N LYS H 74 22.13 -26.75 -16.78
CA LYS H 74 21.85 -28.17 -16.50
C LYS H 74 22.48 -28.61 -15.16
N ASN H 75 21.73 -29.41 -14.41
CA ASN H 75 22.19 -29.96 -13.12
C ASN H 75 22.58 -31.43 -13.28
N VAL H 76 23.13 -32.04 -12.23
CA VAL H 76 23.60 -33.45 -12.30
C VAL H 76 22.54 -34.44 -12.74
N LYS H 77 21.33 -34.27 -12.21
CA LYS H 77 20.21 -35.14 -12.53
C LYS H 77 19.80 -34.99 -13.99
N ASP H 78 19.75 -33.76 -14.50
CA ASP H 78 19.43 -33.50 -15.91
C ASP H 78 20.38 -34.28 -16.82
N LEU H 79 21.65 -34.33 -16.43
CA LEU H 79 22.68 -34.99 -17.26
C LEU H 79 22.90 -36.47 -16.95
N ASN H 80 22.16 -37.00 -15.97
CA ASN H 80 22.32 -38.39 -15.53
C ASN H 80 23.77 -38.68 -15.06
N TYR H 81 24.35 -37.72 -14.35
CA TYR H 81 25.71 -37.85 -13.82
C TYR H 81 25.67 -38.28 -12.35
N GLU H 82 26.85 -38.39 -11.74
CA GLU H 82 27.01 -38.96 -10.40
C GLU H 82 27.43 -37.93 -9.35
N LEU H 83 27.31 -38.32 -8.08
CA LEU H 83 27.85 -37.57 -6.95
C LEU H 83 28.66 -38.50 -6.02
N LEU H 84 29.90 -38.10 -5.72
CA LEU H 84 30.71 -38.74 -4.70
C LEU H 84 30.66 -37.82 -3.50
N ILE H 85 30.01 -38.27 -2.42
CA ILE H 85 29.92 -37.47 -1.20
C ILE H 85 31.03 -37.91 -0.23
N VAL H 86 31.76 -36.95 0.31
CA VAL H 86 32.91 -37.27 1.17
C VAL H 86 32.83 -36.42 2.39
N SER H 87 33.03 -37.04 3.55
CA SER H 87 32.94 -36.33 4.82
C SER H 87 34.22 -35.55 5.07
N GLN H 88 34.07 -34.29 5.47
CA GLN H 88 35.18 -33.37 5.69
C GLN H 88 34.92 -32.47 6.86
N PHE H 89 35.41 -32.86 8.04
CA PHE H 89 35.31 -32.04 9.25
C PHE H 89 36.23 -30.81 9.19
N THR H 90 37.21 -30.81 8.30
CA THR H 90 38.19 -29.74 8.26
C THR H 90 37.63 -28.44 7.72
N LEU H 91 36.49 -28.50 7.03
CA LEU H 91 35.77 -27.29 6.68
C LEU H 91 35.40 -26.42 7.89
N PHE H 92 35.42 -26.99 9.10
CA PHE H 92 35.27 -26.19 10.32
C PHE H 92 36.62 -25.89 10.97
N GLY H 93 37.67 -25.90 10.16
CA GLY H 93 38.98 -25.49 10.62
C GLY H 93 39.01 -23.99 10.76
N ASN H 94 38.69 -23.49 11.96
CA ASN H 94 38.83 -22.07 12.27
C ASN H 94 40.29 -21.67 12.26
N THR H 95 40.64 -20.70 11.42
CA THR H 95 42.02 -20.26 11.24
C THR H 95 42.27 -18.82 11.66
N LYS H 96 41.29 -18.19 12.33
CA LYS H 96 41.38 -16.77 12.70
C LYS H 96 42.50 -16.44 13.72
N LYS H 97 42.46 -17.08 14.88
CA LYS H 97 43.38 -16.74 15.97
C LYS H 97 44.80 -17.28 15.80
N GLY H 98 44.94 -18.44 15.15
CA GLY H 98 46.27 -19.01 14.92
C GLY H 98 46.37 -19.69 13.56
N ASN H 99 47.54 -20.25 13.29
CA ASN H 99 47.77 -21.05 12.09
C ASN H 99 47.69 -22.56 12.34
N LYS H 100 47.36 -22.94 13.58
CA LYS H 100 46.92 -24.29 13.90
C LYS H 100 45.39 -24.26 13.87
N PRO H 101 44.77 -24.91 12.87
CA PRO H 101 43.31 -24.81 12.78
C PRO H 101 42.62 -25.45 13.99
N ASP H 102 41.59 -24.79 14.50
CA ASP H 102 40.78 -25.29 15.59
C ASP H 102 39.50 -25.85 15.00
N PHE H 103 39.20 -27.09 15.33
CA PHE H 103 38.05 -27.77 14.74
C PHE H 103 36.90 -27.94 15.70
N HIS H 104 36.87 -27.20 16.81
CA HIS H 104 35.94 -27.54 17.88
C HIS H 104 34.48 -27.19 17.58
N LEU H 105 34.19 -26.59 16.43
CA LEU H 105 32.82 -26.32 16.01
C LEU H 105 32.25 -27.44 15.17
N ALA H 106 33.08 -28.41 14.82
CA ALA H 106 32.61 -29.57 14.08
C ALA H 106 31.80 -30.49 14.99
N LYS H 107 30.67 -30.99 14.46
CA LYS H 107 29.93 -32.06 15.14
C LYS H 107 30.82 -33.23 15.49
N GLU H 108 30.61 -33.73 16.70
CA GLU H 108 31.32 -34.89 17.27
C GLU H 108 31.12 -36.12 16.36
N PRO H 109 32.20 -36.91 16.11
CA PRO H 109 32.21 -37.90 15.02
C PRO H 109 31.09 -38.94 15.06
N ASN H 110 30.67 -39.32 16.26
CA ASN H 110 29.64 -40.36 16.39
C ASN H 110 28.28 -39.97 15.88
N GLU H 111 27.75 -38.86 16.38
CA GLU H 111 26.54 -38.30 15.81
C GLU H 111 26.77 -37.81 14.38
N ALA H 112 27.98 -37.34 14.09
CA ALA H 112 28.31 -36.91 12.73
C ALA H 112 28.08 -38.03 11.74
N LEU H 113 28.45 -39.26 12.11
CA LEU H 113 28.27 -40.42 11.21
C LEU H 113 26.80 -40.81 11.02
N ILE H 114 26.01 -40.69 12.07
CA ILE H 114 24.58 -40.97 12.01
C ILE H 114 23.93 -39.98 11.08
N PHE H 115 24.19 -38.71 11.37
CA PHE H 115 23.75 -37.63 10.52
C PHE H 115 24.18 -37.90 9.08
N TYR H 116 25.43 -38.29 8.88
CA TYR H 116 26.01 -38.48 7.54
C TYR H 116 25.25 -39.51 6.73
N ASN H 117 24.91 -40.61 7.38
CA ASN H 117 24.18 -41.68 6.70
C ASN H 117 22.74 -41.29 6.45
N LYS H 118 22.12 -40.55 7.36
CA LYS H 118 20.81 -39.97 7.09
C LYS H 118 20.92 -39.19 5.78
N ILE H 119 21.89 -38.28 5.72
CA ILE H 119 22.07 -37.44 4.52
C ILE H 119 22.21 -38.27 3.25
N ILE H 120 22.98 -39.33 3.31
CA ILE H 120 23.19 -40.18 2.12
C ILE H 120 21.89 -40.85 1.71
N ASP H 121 21.12 -41.34 2.68
CA ASP H 121 19.77 -41.87 2.43
C ASP H 121 18.92 -40.86 1.66
N GLU H 122 18.86 -39.64 2.17
CA GLU H 122 18.05 -38.59 1.55
C GLU H 122 18.56 -38.22 0.17
N PHE H 123 19.87 -38.31 -0.04
CA PHE H 123 20.45 -38.11 -1.38
C PHE H 123 19.87 -39.13 -2.35
N LYS H 124 19.78 -40.37 -1.90
CA LYS H 124 19.25 -41.46 -2.73
C LYS H 124 17.75 -41.31 -2.98
N LYS H 125 17.01 -40.84 -1.98
CA LYS H 125 15.56 -40.68 -2.12
C LYS H 125 15.20 -39.58 -3.12
N GLN H 126 15.93 -38.46 -3.08
CA GLN H 126 15.70 -37.36 -4.02
C GLN H 126 16.28 -37.60 -5.42
N TYR H 127 17.17 -38.58 -5.57
CA TYR H 127 17.77 -38.88 -6.89
C TYR H 127 17.67 -40.39 -7.14
N ASN H 128 18.69 -41.17 -6.77
CA ASN H 128 18.60 -42.63 -6.68
C ASN H 128 19.94 -43.24 -6.33
N ASP H 129 19.92 -44.45 -5.79
CA ASP H 129 21.15 -45.24 -5.63
C ASP H 129 21.67 -45.66 -7.01
N ASP H 130 22.96 -45.95 -7.09
CA ASP H 130 23.69 -46.09 -8.36
C ASP H 130 24.34 -44.76 -8.80
N LYS H 131 23.75 -43.64 -8.39
CA LYS H 131 24.31 -42.30 -8.69
C LYS H 131 24.93 -41.59 -7.48
N ILE H 132 24.65 -42.08 -6.27
CA ILE H 132 25.30 -41.56 -5.08
C ILE H 132 26.41 -42.51 -4.65
N LYS H 133 27.67 -42.07 -4.78
CA LYS H 133 28.82 -42.79 -4.25
C LYS H 133 29.32 -42.11 -2.97
N ILE H 134 30.04 -42.85 -2.14
CA ILE H 134 30.55 -42.30 -0.89
C ILE H 134 31.98 -42.74 -0.63
N GLY H 135 32.59 -42.15 0.40
CA GLY H 135 33.88 -42.59 0.89
C GLY H 135 33.70 -43.45 2.13
N LYS H 136 34.77 -43.55 2.92
CA LYS H 136 34.78 -44.29 4.18
C LYS H 136 34.91 -43.31 5.33
N PHE H 137 33.80 -43.08 6.03
CA PHE H 137 33.77 -42.10 7.10
C PHE H 137 34.82 -42.42 8.17
N GLY H 138 35.54 -41.40 8.62
CA GLY H 138 36.54 -41.56 9.68
C GLY H 138 37.89 -42.15 9.28
N ASN H 139 38.11 -42.39 7.99
CA ASN H 139 39.33 -43.03 7.53
C ASN H 139 40.11 -42.13 6.60
N TYR H 140 41.44 -42.26 6.62
CA TYR H 140 42.29 -41.63 5.59
C TYR H 140 41.84 -42.05 4.19
N MET H 141 41.72 -41.07 3.30
CA MET H 141 41.27 -41.31 1.94
C MET H 141 42.21 -40.63 0.97
N ASN H 142 42.47 -41.32 -0.13
CA ASN H 142 43.25 -40.78 -1.22
C ASN H 142 42.28 -40.62 -2.38
N ILE H 143 42.04 -39.37 -2.81
CA ILE H 143 41.07 -39.13 -3.88
C ILE H 143 41.75 -38.50 -5.10
N ASP H 144 41.77 -39.25 -6.21
CA ASP H 144 42.27 -38.73 -7.49
C ASP H 144 41.09 -38.15 -8.21
N VAL H 145 41.16 -36.86 -8.48
CA VAL H 145 40.02 -36.08 -8.92
C VAL H 145 40.41 -35.31 -10.16
N THR H 146 39.61 -35.43 -11.22
CA THR H 146 39.85 -34.64 -12.42
C THR H 146 38.88 -33.46 -12.47
N ASN H 147 39.34 -32.31 -11.99
CA ASN H 147 38.52 -31.10 -11.99
C ASN H 147 38.23 -30.56 -13.39
N ASP H 148 36.96 -30.32 -13.66
CA ASP H 148 36.45 -29.98 -15.00
C ASP H 148 36.12 -28.50 -15.08
N GLY H 149 37.12 -27.65 -15.33
CA GLY H 149 36.85 -26.22 -15.51
C GLY H 149 37.95 -25.33 -15.01
N PRO H 150 38.26 -25.40 -13.71
CA PRO H 150 37.43 -26.11 -12.73
C PRO H 150 36.24 -25.24 -12.32
N VAL H 151 35.24 -25.86 -11.69
CA VAL H 151 34.11 -25.14 -11.06
C VAL H 151 33.95 -25.56 -9.60
N THR H 152 34.23 -24.62 -8.70
CA THR H 152 34.10 -24.82 -7.25
C THR H 152 33.00 -23.94 -6.62
N ILE H 153 32.05 -24.56 -5.94
CA ILE H 153 30.99 -23.83 -5.23
C ILE H 153 31.10 -24.14 -3.72
N TYR H 154 31.11 -23.09 -2.91
CA TYR H 154 31.05 -23.24 -1.48
C TYR H 154 29.68 -22.80 -1.00
N ILE H 155 29.11 -23.56 -0.06
CA ILE H 155 27.84 -23.19 0.57
C ILE H 155 27.92 -23.46 2.05
N ASP H 156 27.62 -22.44 2.86
CA ASP H 156 27.40 -22.56 4.29
C ASP H 156 25.96 -22.16 4.66
N THR H 157 25.23 -23.07 5.30
CA THR H 157 23.82 -22.86 5.63
C THR H 157 23.55 -21.84 6.73
N HIS H 158 24.52 -21.60 7.60
CA HIS H 158 24.36 -20.62 8.70
C HIS H 158 24.68 -19.21 8.22
N ASP H 159 25.00 -19.07 6.94
CA ASP H 159 25.27 -17.75 6.35
C ASP H 159 23.95 -16.98 6.18
#